data_4RZC
#
_entry.id   4RZC
#
_cell.length_a   60.607
_cell.length_b   128.050
_cell.length_c   127.295
_cell.angle_alpha   90.000
_cell.angle_beta   90.000
_cell.angle_gamma   90.000
#
_symmetry.space_group_name_H-M   'P 21 21 21'
#
loop_
_entity.id
_entity.type
_entity.pdbx_description
1 polymer 'Fv M6P-1 light chain'
2 polymer 'Fv M6P-1 heavy chain'
3 non-polymer 6-O-phosphono-alpha-D-mannopyranose
4 non-polymer 'SULFATE ION'
5 water water
#
loop_
_entity_poly.entity_id
_entity_poly.type
_entity_poly.pdbx_seq_one_letter_code
_entity_poly.pdbx_strand_id
1 'polypeptide(L)'
;ASQSVKESEGDLVKPGASLTLTCKASGFDFTWYTMNWVRQAPGKGLEWIASIGAGVYGSNYYASWAKGRFTISKASSTTV
TLQMTSLTVADTATYFCARDGINGGYDIWGPGTLVTVSS
;
H,A,C,E
2 'polypeptide(L)'
;LVMTQTESPVSAAVGGTVTIKCQSSQSVYNNRLAWYQQKPGQRPKLLIYSASTLASGVPSRFKGSGSGTQFTLTISDLEW
GDAATYYCHGGYRSNDDRYAFSGGTELEILSS
;
L,B,D,F
#
loop_
_chem_comp.id
_chem_comp.type
_chem_comp.name
_chem_comp.formula
M6P D-saccharide, alpha linking 6-O-phosphono-alpha-D-mannopyranose 'C6 H13 O9 P'
SO4 non-polymer 'SULFATE ION' 'O4 S -2'
#
# COMPACT_ATOMS: atom_id res chain seq x y z
N SER A 2 14.55 18.62 -37.04
CA SER A 2 15.87 19.13 -36.56
C SER A 2 17.04 18.20 -36.89
N GLN A 3 16.85 16.89 -36.61
CA GLN A 3 17.71 15.75 -37.00
C GLN A 3 16.83 14.52 -37.28
N SER A 4 17.19 13.72 -38.29
CA SER A 4 16.35 12.63 -38.74
C SER A 4 17.14 11.59 -39.56
N VAL A 5 16.51 10.43 -39.74
CA VAL A 5 17.05 9.34 -40.53
C VAL A 5 15.91 8.74 -41.34
N LYS A 6 16.20 8.24 -42.54
CA LYS A 6 15.16 7.68 -43.38
C LYS A 6 15.57 6.35 -44.00
N GLU A 7 14.81 5.30 -43.71
CA GLU A 7 15.06 3.98 -44.30
C GLU A 7 14.53 3.97 -45.71
N SER A 8 15.04 3.06 -46.52
CA SER A 8 14.65 2.94 -47.94
C SER A 8 14.58 1.48 -48.36
N GLU A 9 14.21 1.25 -49.62
CA GLU A 9 14.55 0.01 -50.33
C GLU A 9 13.82 -1.27 -49.82
N GLY A 10 12.62 -1.11 -49.28
CA GLY A 10 11.80 -2.26 -48.89
C GLY A 10 11.07 -2.84 -50.10
N ASP A 11 10.67 -4.11 -50.04
CA ASP A 11 10.15 -4.78 -51.23
C ASP A 11 9.28 -6.00 -50.93
N LEU A 12 8.57 -6.48 -51.95
CA LEU A 12 7.94 -7.80 -51.93
C LEU A 12 8.90 -8.79 -52.60
N VAL A 13 9.14 -9.93 -51.96
CA VAL A 13 10.23 -10.84 -52.38
C VAL A 13 9.93 -12.31 -52.04
N LYS A 14 10.46 -13.23 -52.83
CA LYS A 14 10.17 -14.65 -52.64
C LYS A 14 11.03 -15.24 -51.52
N PRO A 15 10.58 -16.36 -50.93
CA PRO A 15 11.41 -17.02 -49.93
C PRO A 15 12.72 -17.52 -50.51
N GLY A 16 13.81 -17.32 -49.76
CA GLY A 16 15.16 -17.76 -50.17
C GLY A 16 15.98 -16.66 -50.80
N ALA A 17 15.37 -15.49 -50.97
CA ALA A 17 16.04 -14.39 -51.65
C ALA A 17 16.82 -13.48 -50.68
N SER A 18 17.61 -12.59 -51.26
CA SER A 18 18.40 -11.62 -50.53
C SER A 18 17.85 -10.22 -50.71
N LEU A 19 18.15 -9.35 -49.75
CA LEU A 19 17.68 -7.96 -49.82
C LEU A 19 18.55 -7.06 -48.94
N THR A 20 18.77 -5.84 -49.41
CA THR A 20 19.60 -4.87 -48.70
C THR A 20 18.79 -3.61 -48.41
N LEU A 21 18.78 -3.23 -47.14
CA LEU A 21 18.14 -2.00 -46.71
C LEU A 21 19.19 -0.95 -46.44
N THR A 22 18.76 0.30 -46.44
CA THR A 22 19.65 1.43 -46.39
C THR A 22 18.98 2.54 -45.59
N CYS A 23 19.75 3.08 -44.64
CA CYS A 23 19.29 4.16 -43.77
C CYS A 23 20.26 5.34 -43.92
N LYS A 24 19.71 6.51 -44.18
CA LYS A 24 20.47 7.71 -44.49
C LYS A 24 20.19 8.83 -43.46
N ALA A 25 21.24 9.31 -42.79
CA ALA A 25 21.10 10.33 -41.75
C ALA A 25 20.99 11.73 -42.33
N SER A 26 20.39 12.63 -41.55
CA SER A 26 20.33 14.07 -41.84
C SER A 26 20.61 14.85 -40.54
N GLY A 27 21.52 15.83 -40.62
CA GLY A 27 21.83 16.70 -39.49
C GLY A 27 22.79 16.14 -38.45
N PHE A 28 23.34 14.95 -38.70
CA PHE A 28 24.31 14.37 -37.77
C PHE A 28 25.16 13.26 -38.41
N ASP A 29 26.16 12.80 -37.67
CA ASP A 29 27.10 11.80 -38.12
C ASP A 29 27.03 10.61 -37.20
N PHE A 30 27.50 9.47 -37.68
CA PHE A 30 27.66 8.29 -36.83
C PHE A 30 29.03 8.24 -36.15
N THR A 31 29.73 9.37 -36.11
CA THR A 31 31.05 9.46 -35.49
C THR A 31 30.92 9.30 -33.98
N TRP A 32 29.84 9.83 -33.42
CA TRP A 32 29.57 9.83 -31.98
C TRP A 32 28.43 8.93 -31.52
N TYR A 33 27.66 8.34 -32.45
CA TYR A 33 26.52 7.48 -32.07
C TYR A 33 26.54 6.11 -32.72
N THR A 34 26.04 5.15 -31.95
CA THR A 34 25.84 3.76 -32.36
C THR A 34 24.50 3.72 -33.02
N MET A 35 24.39 3.03 -34.16
CA MET A 35 23.13 2.93 -34.91
C MET A 35 22.61 1.51 -34.91
N ASN A 36 21.28 1.39 -34.92
CA ASN A 36 20.61 0.09 -34.73
C ASN A 36 19.60 -0.22 -35.81
N TRP A 37 19.41 -1.51 -36.08
CA TRP A 37 18.28 -1.94 -36.90
C TRP A 37 17.32 -2.70 -36.00
N VAL A 38 16.08 -2.23 -35.95
CA VAL A 38 15.03 -2.87 -35.15
C VAL A 38 13.88 -3.09 -36.10
N ARG A 39 13.25 -4.26 -36.06
CA ARG A 39 12.08 -4.51 -36.90
C ARG A 39 10.82 -4.75 -36.08
N GLN A 40 9.70 -4.76 -36.78
CA GLN A 40 8.41 -4.99 -36.16
C GLN A 40 7.49 -5.83 -37.09
N ALA A 41 7.43 -7.14 -36.85
CA ALA A 41 6.53 -8.00 -37.63
C ALA A 41 5.07 -7.64 -37.31
N PRO A 42 4.15 -7.85 -38.27
CA PRO A 42 2.74 -7.57 -37.97
C PRO A 42 2.24 -8.38 -36.78
N GLY A 43 1.47 -7.73 -35.91
CA GLY A 43 0.87 -8.40 -34.74
C GLY A 43 1.86 -8.67 -33.61
N LYS A 44 3.11 -8.29 -33.80
CA LYS A 44 4.18 -8.63 -32.85
C LYS A 44 4.95 -7.40 -32.42
N GLY A 45 5.70 -7.53 -31.34
CA GLY A 45 6.45 -6.41 -30.79
C GLY A 45 7.76 -6.13 -31.48
N LEU A 46 8.42 -5.06 -31.04
CA LEU A 46 9.76 -4.69 -31.50
C LEU A 46 10.79 -5.75 -31.19
N GLU A 47 11.73 -5.91 -32.13
CA GLU A 47 12.77 -6.93 -32.05
C GLU A 47 14.09 -6.28 -32.48
N TRP A 48 15.10 -6.36 -31.62
CA TRP A 48 16.43 -5.82 -31.96
C TRP A 48 17.17 -6.78 -32.88
N ILE A 49 17.72 -6.26 -33.97
CA ILE A 49 18.38 -7.10 -34.96
C ILE A 49 19.89 -7.01 -34.80
N ALA A 50 20.42 -5.80 -34.98
CA ALA A 50 21.86 -5.59 -34.95
C ALA A 50 22.23 -4.14 -34.70
N SER A 51 23.43 -3.95 -34.16
CA SER A 51 23.96 -2.62 -33.90
C SER A 51 25.36 -2.50 -34.46
N ILE A 52 25.79 -1.26 -34.72
CA ILE A 52 27.17 -1.02 -35.10
C ILE A 52 27.65 0.24 -34.40
N GLY A 53 28.87 0.19 -33.87
CA GLY A 53 29.39 1.21 -32.93
C GLY A 53 29.77 2.53 -33.56
N ALA A 54 30.08 3.52 -32.74
CA ALA A 54 30.41 4.88 -33.21
C ALA A 54 31.74 4.94 -33.93
N GLY A 55 31.84 5.82 -34.93
CA GLY A 55 33.09 6.07 -35.63
C GLY A 55 33.41 4.97 -36.61
N VAL A 56 34.48 5.15 -37.38
CA VAL A 56 34.85 4.20 -38.42
C VAL A 56 35.11 2.80 -37.84
N TYR A 57 35.77 2.75 -36.69
CA TYR A 57 36.17 1.47 -36.10
C TYR A 57 35.19 0.98 -35.01
N GLY A 58 33.98 1.53 -35.02
CA GLY A 58 32.88 1.00 -34.22
C GLY A 58 32.67 -0.48 -34.39
N SER A 59 32.22 -1.11 -33.33
CA SER A 59 32.10 -2.54 -33.27
C SER A 59 30.64 -2.97 -33.55
N ASN A 60 30.46 -4.20 -34.05
CA ASN A 60 29.14 -4.71 -34.42
C ASN A 60 28.69 -5.73 -33.40
N TYR A 61 27.38 -5.81 -33.20
CA TYR A 61 26.76 -6.79 -32.34
C TYR A 61 25.51 -7.29 -33.04
N TYR A 62 25.15 -8.53 -32.74
CA TYR A 62 23.99 -9.16 -33.34
C TYR A 62 23.12 -9.80 -32.27
N ALA A 63 21.81 -9.85 -32.52
CA ALA A 63 20.95 -10.72 -31.73
C ALA A 63 21.38 -12.14 -32.05
N SER A 64 21.24 -13.06 -31.09
CA SER A 64 21.59 -14.46 -31.31
C SER A 64 20.97 -15.00 -32.60
N TRP A 65 19.65 -14.89 -32.70
CA TRP A 65 18.90 -15.44 -33.84
C TRP A 65 19.28 -14.91 -35.24
N ALA A 66 20.00 -13.79 -35.30
CA ALA A 66 20.20 -13.04 -36.55
C ALA A 66 21.57 -13.22 -37.19
N LYS A 67 22.48 -13.88 -36.50
CA LYS A 67 23.88 -13.86 -36.91
C LYS A 67 24.22 -14.37 -38.32
N GLY A 68 23.65 -15.49 -38.72
CA GLY A 68 23.97 -16.09 -40.01
C GLY A 68 23.43 -15.29 -41.18
N ARG A 69 22.20 -14.83 -41.05
CA ARG A 69 21.42 -14.35 -42.20
C ARG A 69 21.29 -12.79 -42.29
N PHE A 70 21.86 -12.09 -41.32
CA PHE A 70 21.95 -10.63 -41.37
C PHE A 70 23.38 -10.13 -41.23
N THR A 71 23.62 -8.94 -41.79
CA THR A 71 24.92 -8.25 -41.73
C THR A 71 24.71 -6.74 -41.69
N ILE A 72 25.17 -6.11 -40.62
CA ILE A 72 25.05 -4.65 -40.48
C ILE A 72 26.36 -3.98 -40.88
N SER A 73 26.25 -2.80 -41.48
CA SER A 73 27.42 -2.13 -42.02
C SER A 73 27.27 -0.61 -42.05
N LYS A 74 28.39 0.08 -41.87
CA LYS A 74 28.46 1.51 -42.06
C LYS A 74 29.12 1.75 -43.40
N ALA A 75 28.32 2.03 -44.43
CA ALA A 75 28.86 2.32 -45.74
C ALA A 75 29.71 3.57 -45.66
N SER A 76 29.17 4.59 -45.00
CA SER A 76 29.83 5.89 -44.82
C SER A 76 29.41 6.49 -43.50
N SER A 77 29.90 7.70 -43.20
CA SER A 77 29.59 8.35 -41.93
C SER A 77 28.11 8.75 -41.81
N THR A 78 27.37 8.71 -42.92
CA THR A 78 25.94 9.08 -42.91
C THR A 78 24.98 7.99 -43.46
N THR A 79 25.49 6.80 -43.76
CA THR A 79 24.67 5.75 -44.35
C THR A 79 24.92 4.39 -43.69
N VAL A 80 23.86 3.76 -43.18
CA VAL A 80 23.92 2.40 -42.62
C VAL A 80 23.28 1.41 -43.58
N THR A 81 23.64 0.14 -43.42
CA THR A 81 23.22 -0.92 -44.31
C THR A 81 22.79 -2.15 -43.52
N LEU A 82 21.73 -2.81 -43.99
CA LEU A 82 21.34 -4.11 -43.46
C LEU A 82 21.20 -5.09 -44.60
N GLN A 83 22.11 -6.07 -44.65
CA GLN A 83 22.05 -7.14 -45.64
C GLN A 83 21.30 -8.35 -45.08
N MET A 84 20.24 -8.74 -45.78
CA MET A 84 19.34 -9.81 -45.37
C MET A 84 19.42 -10.90 -46.40
N THR A 85 19.85 -12.09 -45.99
CA THR A 85 20.29 -13.10 -46.96
C THR A 85 19.29 -14.18 -47.31
N SER A 86 18.73 -14.89 -46.32
CA SER A 86 18.00 -16.15 -46.56
C SER A 86 16.56 -16.08 -46.17
N LEU A 87 15.84 -15.10 -46.68
CA LEU A 87 14.53 -14.71 -46.14
C LEU A 87 13.49 -15.83 -46.05
N THR A 88 12.70 -15.79 -44.99
CA THR A 88 11.53 -16.68 -44.82
C THR A 88 10.30 -15.81 -44.55
N VAL A 89 9.12 -16.43 -44.53
CA VAL A 89 7.87 -15.68 -44.36
C VAL A 89 7.80 -14.95 -43.00
N ALA A 90 8.33 -15.57 -41.96
CA ALA A 90 8.43 -14.93 -40.63
C ALA A 90 9.32 -13.66 -40.58
N ASP A 91 10.12 -13.42 -41.63
CA ASP A 91 10.93 -12.21 -41.72
C ASP A 91 10.12 -11.03 -42.28
N THR A 92 8.84 -11.24 -42.55
CA THR A 92 7.96 -10.17 -43.02
C THR A 92 7.78 -9.16 -41.88
N ALA A 93 8.18 -7.92 -42.11
CA ALA A 93 8.10 -6.88 -41.08
C ALA A 93 8.35 -5.48 -41.60
N THR A 94 7.99 -4.51 -40.76
CA THR A 94 8.43 -3.11 -40.91
C THR A 94 9.80 -3.04 -40.26
N TYR A 95 10.80 -2.56 -41.00
CA TYR A 95 12.21 -2.45 -40.51
C TYR A 95 12.61 -1.01 -40.19
N PHE A 96 13.16 -0.81 -38.99
CA PHE A 96 13.49 0.53 -38.46
C PHE A 96 14.99 0.77 -38.32
N CYS A 97 15.37 2.02 -38.56
CA CYS A 97 16.71 2.51 -38.25
C CYS A 97 16.61 3.47 -37.03
N ALA A 98 17.44 3.26 -36.01
CA ALA A 98 17.31 4.04 -34.77
C ALA A 98 18.64 4.38 -34.13
N ARG A 99 18.79 5.64 -33.74
CA ARG A 99 20.06 6.14 -33.24
C ARG A 99 20.10 6.04 -31.72
N ASP A 100 21.16 5.41 -31.23
CA ASP A 100 21.43 5.39 -29.80
C ASP A 100 21.99 6.77 -29.46
N GLY A 101 21.09 7.67 -29.06
CA GLY A 101 21.48 9.03 -28.72
C GLY A 101 22.29 9.06 -27.43
N ILE A 102 21.75 8.47 -26.39
CA ILE A 102 22.36 8.50 -25.09
C ILE A 102 22.04 7.22 -24.30
N ASN A 103 23.11 6.50 -23.93
CA ASN A 103 23.09 5.36 -23.02
C ASN A 103 21.89 4.41 -23.21
N GLY A 104 21.57 4.10 -24.46
CA GLY A 104 20.55 3.09 -24.76
C GLY A 104 19.18 3.59 -25.18
N GLY A 105 18.95 4.90 -25.00
CA GLY A 105 17.71 5.52 -25.45
C GLY A 105 17.74 5.76 -26.95
N TYR A 106 16.89 5.04 -27.67
CA TYR A 106 16.73 5.29 -29.10
C TYR A 106 15.93 6.58 -29.30
N ASP A 107 16.69 7.65 -29.16
CA ASP A 107 16.29 9.04 -29.31
C ASP A 107 15.53 9.29 -30.62
N ILE A 108 15.99 8.73 -31.72
CA ILE A 108 15.39 9.03 -33.01
C ILE A 108 15.20 7.80 -33.89
N TRP A 109 14.08 7.79 -34.63
CA TRP A 109 13.68 6.65 -35.44
C TRP A 109 13.34 7.09 -36.85
N GLY A 110 13.46 6.19 -37.83
CA GLY A 110 12.89 6.46 -39.15
C GLY A 110 11.42 6.12 -39.19
N PRO A 111 10.77 6.25 -40.36
CA PRO A 111 9.38 5.79 -40.48
C PRO A 111 9.30 4.28 -40.61
N GLY A 112 10.30 3.70 -41.27
CA GLY A 112 10.37 2.26 -41.53
C GLY A 112 10.04 1.89 -42.98
N THR A 113 10.54 0.74 -43.42
CA THR A 113 10.18 0.18 -44.73
C THR A 113 9.61 -1.22 -44.60
N LEU A 114 8.68 -1.55 -45.49
CA LEU A 114 8.00 -2.83 -45.42
C LEU A 114 8.81 -3.82 -46.25
N VAL A 115 9.09 -4.97 -45.65
CA VAL A 115 9.64 -6.08 -46.38
C VAL A 115 8.64 -7.20 -46.22
N THR A 116 8.19 -7.73 -47.35
CA THR A 116 7.23 -8.82 -47.34
C THR A 116 7.82 -9.99 -48.08
N VAL A 117 7.74 -11.15 -47.46
CA VAL A 117 8.23 -12.38 -48.04
C VAL A 117 7.00 -13.26 -48.29
N SER A 118 6.77 -13.63 -49.55
CA SER A 118 5.59 -14.43 -49.88
C SER A 118 5.70 -15.16 -51.22
N SER A 119 4.71 -16.00 -51.51
CA SER A 119 4.58 -16.67 -52.81
C SER A 119 3.90 -15.74 -53.82
N LEU B 1 18.88 -14.87 -22.86
CA LEU B 1 18.53 -13.47 -22.49
C LEU B 1 17.14 -13.05 -23.01
N VAL B 2 16.21 -12.79 -22.08
CA VAL B 2 14.86 -12.32 -22.42
C VAL B 2 14.35 -11.22 -21.45
N MET B 3 13.39 -10.43 -21.91
CA MET B 3 12.68 -9.49 -21.06
C MET B 3 11.19 -9.78 -21.12
N THR B 4 10.46 -9.42 -20.06
CA THR B 4 9.01 -9.64 -20.02
C THR B 4 8.26 -8.44 -19.48
N GLN B 5 7.02 -8.30 -19.94
CA GLN B 5 6.14 -7.21 -19.54
C GLN B 5 4.82 -7.83 -19.12
N THR B 6 3.95 -6.96 -18.64
CA THR B 6 2.58 -7.38 -18.31
C THR B 6 1.83 -7.63 -19.61
N GLU B 7 0.52 -7.95 -19.59
CA GLU B 7 -0.18 -8.45 -20.79
C GLU B 7 -1.09 -7.46 -21.54
N SER B 8 -2.34 -7.29 -21.07
CA SER B 8 -3.28 -6.27 -21.63
C SER B 8 -4.01 -5.42 -20.57
N PRO B 9 -3.35 -4.40 -19.98
CA PRO B 9 -4.03 -3.62 -18.94
C PRO B 9 -4.95 -2.52 -19.45
N VAL B 10 -5.92 -2.21 -18.59
CA VAL B 10 -6.88 -1.14 -18.81
C VAL B 10 -6.87 -0.21 -17.59
N SER B 11 -7.18 1.07 -17.80
CA SER B 11 -7.16 2.04 -16.69
C SER B 11 -7.94 3.33 -16.94
N ALA B 12 -8.35 3.96 -15.84
CA ALA B 12 -9.33 5.05 -15.88
C ALA B 12 -8.70 6.40 -16.20
N ALA B 13 -9.48 7.26 -16.88
CA ALA B 13 -9.04 8.57 -17.32
C ALA B 13 -8.56 9.33 -16.06
N GLY B 15 -7.10 11.12 -14.53
CA GLY B 15 -6.47 11.30 -13.24
C GLY B 15 -6.00 9.99 -12.68
N GLY B 16 -6.15 8.91 -13.43
CA GLY B 16 -5.79 7.58 -12.95
C GLY B 16 -4.29 7.39 -12.99
N THR B 17 -3.83 6.28 -12.42
CA THR B 17 -2.41 5.96 -12.39
C THR B 17 -2.26 4.52 -12.86
N VAL B 18 -1.20 4.24 -13.61
CA VAL B 18 -0.84 2.85 -13.93
C VAL B 18 0.63 2.64 -13.71
N THR B 19 0.97 1.41 -13.33
CA THR B 19 2.36 0.98 -13.16
C THR B 19 2.57 -0.22 -14.08
N ILE B 20 3.57 -0.10 -14.95
CA ILE B 20 3.91 -1.12 -15.92
C ILE B 20 5.20 -1.76 -15.44
N LYS B 21 5.18 -3.07 -15.23
CA LYS B 21 6.33 -3.77 -14.70
C LYS B 21 7.20 -4.42 -15.78
N CYS B 22 8.51 -4.33 -15.59
CA CYS B 22 9.49 -4.90 -16.53
C CYS B 22 10.57 -5.75 -15.83
N GLN B 23 10.81 -6.94 -16.37
CA GLN B 23 11.82 -7.87 -15.84
C GLN B 23 12.86 -8.17 -16.89
N SER B 24 14.10 -8.40 -16.47
CA SER B 24 15.12 -8.95 -17.38
C SER B 24 15.86 -10.11 -16.71
N SER B 25 16.15 -11.15 -17.48
CA SER B 25 16.76 -12.36 -16.97
C SER B 25 18.22 -12.16 -16.55
N GLN B 26 18.94 -11.29 -17.26
CA GLN B 26 20.29 -10.86 -16.86
C GLN B 26 20.17 -9.44 -16.33
N SER B 27 21.08 -9.05 -15.46
CA SER B 27 21.10 -7.68 -14.95
C SER B 27 21.67 -6.76 -16.02
N VAL B 28 21.05 -5.60 -16.21
CA VAL B 28 21.45 -4.73 -17.32
C VAL B 28 22.87 -4.20 -17.16
N TYR B 29 23.46 -3.81 -18.29
CA TYR B 29 24.80 -3.19 -18.29
C TYR B 29 24.67 -1.70 -18.07
N ASN B 30 25.53 -1.15 -17.22
CA ASN B 30 25.43 0.25 -16.83
C ASN B 30 24.02 0.40 -16.23
N ASN B 31 23.30 1.46 -16.53
CA ASN B 31 21.92 1.56 -16.05
C ASN B 31 21.04 1.59 -17.28
N ARG B 32 21.40 0.77 -18.28
CA ARG B 32 20.83 0.90 -19.63
C ARG B 32 19.48 0.24 -19.71
N LEU B 33 18.47 0.95 -19.22
CA LEU B 33 17.08 0.59 -19.47
C LEU B 33 16.23 1.82 -19.81
N ALA B 34 15.50 1.71 -20.90
CA ALA B 34 14.80 2.82 -21.51
C ALA B 34 13.36 2.42 -21.89
N TRP B 35 12.51 3.43 -22.06
CA TRP B 35 11.09 3.18 -22.24
C TRP B 35 10.58 3.92 -23.47
N TYR B 36 9.65 3.29 -24.17
CA TYR B 36 9.07 3.86 -25.38
C TYR B 36 7.58 3.72 -25.38
N GLN B 37 6.87 4.65 -26.03
CA GLN B 37 5.46 4.42 -26.41
C GLN B 37 5.34 4.40 -27.93
N GLN B 38 4.51 3.52 -28.46
CA GLN B 38 4.22 3.48 -29.90
C GLN B 38 2.72 3.54 -30.11
N LYS B 39 2.25 4.63 -30.70
CA LYS B 39 0.85 4.74 -31.11
C LYS B 39 0.69 4.11 -32.47
N PRO B 40 -0.49 3.53 -32.77
CA PRO B 40 -0.58 2.75 -34.01
C PRO B 40 -0.35 3.59 -35.25
N GLY B 41 0.28 3.04 -36.27
CA GLY B 41 0.64 3.82 -37.47
C GLY B 41 1.79 4.80 -37.28
N GLN B 42 2.50 4.69 -36.17
CA GLN B 42 3.58 5.64 -35.83
C GLN B 42 4.82 4.89 -35.40
N ARG B 43 5.97 5.54 -35.56
CA ARG B 43 7.23 5.03 -35.07
C ARG B 43 7.32 5.21 -33.56
N PRO B 44 8.14 4.39 -32.89
CA PRO B 44 8.33 4.51 -31.44
C PRO B 44 8.80 5.90 -31.00
N LYS B 45 8.46 6.28 -29.78
CA LYS B 45 8.92 7.53 -29.21
C LYS B 45 9.55 7.27 -27.85
N LEU B 46 10.74 7.84 -27.64
CA LEU B 46 11.51 7.62 -26.44
C LEU B 46 10.93 8.41 -25.31
N LEU B 47 10.78 7.75 -24.17
CA LEU B 47 10.11 8.36 -23.01
C LEU B 47 11.09 8.60 -21.89
N ILE B 48 11.73 7.51 -21.50
CA ILE B 48 12.69 7.49 -20.39
C ILE B 48 13.93 6.75 -20.87
N TYR B 49 15.09 7.25 -20.45
CA TYR B 49 16.35 6.53 -20.63
C TYR B 49 17.11 6.47 -19.31
N SER B 50 18.10 5.59 -19.27
CA SER B 50 18.95 5.38 -18.09
C SER B 50 18.10 5.05 -16.87
N ALA B 51 17.11 4.19 -17.08
CA ALA B 51 16.16 3.74 -16.04
C ALA B 51 15.19 4.81 -15.55
N SER B 52 15.66 6.01 -15.25
CA SER B 52 14.80 7.02 -14.63
C SER B 52 14.89 8.46 -15.19
N THR B 53 15.65 8.69 -16.25
CA THR B 53 15.81 10.05 -16.78
C THR B 53 14.83 10.30 -17.93
N LEU B 54 14.15 11.45 -17.89
CA LEU B 54 13.15 11.85 -18.91
C LEU B 54 13.77 12.29 -20.23
N ALA B 55 13.12 11.97 -21.34
CA ALA B 55 13.59 12.38 -22.68
C ALA B 55 13.00 13.73 -23.05
N SER B 56 13.35 14.24 -24.23
CA SER B 56 13.02 15.61 -24.61
C SER B 56 11.53 15.78 -24.91
N GLY B 57 10.94 16.81 -24.31
CA GLY B 57 9.51 17.12 -24.48
C GLY B 57 8.55 16.28 -23.66
N VAL B 58 9.04 15.23 -23.01
CA VAL B 58 8.17 14.30 -22.28
C VAL B 58 7.76 14.88 -20.92
N PRO B 59 6.47 14.78 -20.57
CA PRO B 59 5.97 15.38 -19.32
C PRO B 59 6.47 14.67 -18.04
N SER B 60 6.23 15.24 -16.86
CA SER B 60 6.55 14.54 -15.57
C SER B 60 5.32 13.86 -14.94
N ARG B 61 4.30 13.56 -15.75
CA ARG B 61 3.38 12.46 -15.46
C ARG B 61 4.10 11.11 -15.52
N PHE B 62 5.10 11.04 -16.40
CA PHE B 62 5.84 9.81 -16.66
C PHE B 62 7.07 9.70 -15.77
N LYS B 63 7.13 8.62 -15.01
CA LYS B 63 8.30 8.32 -14.18
C LYS B 63 8.72 6.87 -14.36
N GLY B 64 10.03 6.66 -14.33
CA GLY B 64 10.61 5.32 -14.41
C GLY B 64 11.44 4.99 -13.17
N SER B 65 11.52 3.70 -12.82
CA SER B 65 12.33 3.17 -11.69
C SER B 65 12.71 1.68 -11.98
N GLY B 66 13.32 0.84 -11.13
CA GLY B 66 14.44 1.14 -10.24
C GLY B 66 15.81 0.66 -10.75
N SER B 67 16.20 -0.62 -10.62
CA SER B 67 17.51 -1.17 -11.07
C SER B 67 17.46 -2.71 -11.10
N GLY B 68 18.35 -3.37 -11.84
CA GLY B 68 18.26 -4.84 -12.01
C GLY B 68 18.30 -5.21 -13.48
N THR B 69 17.40 -6.05 -14.02
CA THR B 69 16.39 -6.92 -13.35
C THR B 69 14.96 -6.36 -13.17
N GLN B 70 14.69 -5.55 -12.14
CA GLN B 70 13.31 -5.06 -11.91
C GLN B 70 13.11 -3.56 -12.18
N PHE B 71 12.22 -3.26 -13.10
CA PHE B 71 11.94 -1.89 -13.44
C PHE B 71 10.44 -1.67 -13.50
N THR B 72 10.06 -0.41 -13.32
CA THR B 72 8.67 -0.02 -13.33
C THR B 72 8.56 1.32 -14.06
N LEU B 73 7.46 1.50 -14.79
CA LEU B 73 7.08 2.81 -15.34
C LEU B 73 5.69 3.15 -14.86
N THR B 74 5.57 4.25 -14.12
CA THR B 74 4.27 4.68 -13.61
C THR B 74 3.87 5.97 -14.30
N ILE B 75 2.71 5.95 -14.95
CA ILE B 75 2.13 7.16 -15.53
C ILE B 75 1.01 7.60 -14.60
N SER B 76 1.06 8.86 -14.20
CA SER B 76 0.04 9.44 -13.33
C SER B 76 -0.75 10.50 -14.08
N ASP B 77 -1.91 10.87 -13.54
CA ASP B 77 -2.72 11.96 -14.11
C ASP B 77 -3.07 11.63 -15.56
N LEU B 78 -3.58 10.42 -15.76
CA LEU B 78 -3.74 9.86 -17.11
C LEU B 78 -4.66 10.68 -18.00
N GLU B 79 -4.31 10.74 -19.29
CA GLU B 79 -5.10 11.42 -20.30
C GLU B 79 -5.38 10.43 -21.41
N TRP B 80 -6.28 10.81 -22.32
CA TRP B 80 -6.71 9.90 -23.39
C TRP B 80 -5.60 9.61 -24.37
N GLY B 81 -4.79 10.64 -24.68
CA GLY B 81 -3.66 10.50 -25.59
C GLY B 81 -2.53 9.59 -25.14
N ASP B 82 -2.69 8.95 -23.98
CA ASP B 82 -1.74 7.96 -23.46
C ASP B 82 -2.13 6.52 -23.82
N ALA B 83 -3.28 6.30 -24.43
CA ALA B 83 -3.61 4.96 -24.93
C ALA B 83 -2.68 4.69 -26.12
N ALA B 84 -1.87 3.64 -25.96
CA ALA B 84 -0.76 3.33 -26.83
C ALA B 84 -0.17 2.01 -26.37
N THR B 85 0.90 1.56 -26.99
CA THR B 85 1.60 0.39 -26.50
C THR B 85 2.92 0.87 -25.92
N TYR B 86 3.37 0.20 -24.87
CA TYR B 86 4.57 0.62 -24.17
C TYR B 86 5.59 -0.52 -24.17
N TYR B 87 6.85 -0.15 -24.41
CA TYR B 87 7.93 -1.10 -24.58
C TYR B 87 9.08 -0.82 -23.65
N CYS B 88 9.77 -1.89 -23.33
CA CYS B 88 10.92 -1.91 -22.46
C CYS B 88 12.10 -2.33 -23.33
N HIS B 89 13.30 -1.89 -22.95
CA HIS B 89 14.48 -2.04 -23.80
C HIS B 89 15.72 -1.86 -22.97
N GLY B 90 16.58 -2.87 -22.93
CA GLY B 90 17.78 -2.87 -22.08
C GLY B 90 19.08 -3.22 -22.78
N GLY B 91 20.19 -2.69 -22.26
CA GLY B 91 21.54 -2.99 -22.77
C GLY B 91 22.29 -4.00 -21.91
N TYR B 92 23.19 -4.76 -22.53
CA TYR B 92 23.93 -5.82 -21.87
C TYR B 92 25.38 -5.89 -22.37
N ARG B 93 26.07 -7.01 -22.12
CA ARG B 93 27.42 -7.29 -22.59
C ARG B 93 27.37 -8.70 -23.16
N ASN B 95 28.65 -8.58 -25.41
CA ASN B 95 29.63 -8.73 -26.50
C ASN B 95 29.11 -9.54 -27.69
N ASP B 96 27.89 -10.04 -27.50
CA ASP B 96 26.89 -10.24 -28.55
C ASP B 96 25.60 -10.35 -27.68
N ASP B 97 24.41 -10.29 -28.30
CA ASP B 97 23.13 -10.05 -27.59
C ASP B 97 23.08 -8.74 -26.78
N ARG B 98 23.72 -7.74 -27.36
CA ARG B 98 24.02 -6.48 -26.73
C ARG B 98 22.75 -5.75 -26.24
N TYR B 99 21.67 -5.81 -27.02
CA TYR B 99 20.43 -5.10 -26.71
C TYR B 99 19.21 -6.01 -26.89
N ALA B 100 18.13 -5.71 -26.15
CA ALA B 100 16.90 -6.52 -26.22
C ALA B 100 15.61 -5.77 -25.85
N PHE B 101 14.53 -6.10 -26.56
CA PHE B 101 13.20 -5.53 -26.37
C PHE B 101 12.26 -6.58 -25.78
N SER B 102 11.26 -6.10 -25.06
CA SER B 102 10.23 -6.96 -24.49
C SER B 102 9.07 -7.14 -25.46
N GLY B 103 7.97 -7.71 -24.95
CA GLY B 103 6.80 -8.03 -25.75
C GLY B 103 5.89 -6.85 -26.05
N GLY B 104 5.83 -5.90 -25.12
CA GLY B 104 4.99 -4.70 -25.29
C GLY B 104 3.65 -4.82 -24.59
N THR B 105 3.29 -3.79 -23.82
CA THR B 105 2.06 -3.76 -23.03
C THR B 105 1.16 -2.65 -23.57
N GLU B 106 0.05 -3.05 -24.17
CA GLU B 106 -0.94 -2.10 -24.69
C GLU B 106 -1.76 -1.47 -23.54
N LEU B 107 -1.97 -0.16 -23.59
CA LEU B 107 -2.68 0.57 -22.52
C LEU B 107 -4.03 1.07 -22.97
N GLU B 108 -5.08 0.51 -22.40
CA GLU B 108 -6.45 0.86 -22.75
C GLU B 108 -6.90 1.91 -21.72
N ILE B 109 -7.22 3.12 -22.19
CA ILE B 109 -7.70 4.20 -21.32
C ILE B 109 -9.22 4.15 -21.25
N LEU B 110 -9.76 4.28 -20.05
CA LEU B 110 -11.19 4.03 -19.79
C LEU B 110 -11.83 5.24 -19.08
N SER B 111 -13.13 5.44 -19.29
CA SER B 111 -13.86 6.49 -18.57
C SER B 111 -13.76 6.33 -17.06
N SER B 112 -13.92 7.43 -16.35
CA SER B 112 -14.00 7.42 -14.89
C SER B 112 -15.45 7.63 -14.48
N ALA C 1 -8.37 -40.27 9.98
CA ALA C 1 -7.12 -39.47 9.99
C ALA C 1 -6.73 -39.06 8.57
N SER C 2 -6.18 -37.85 8.45
CA SER C 2 -5.52 -37.43 7.21
C SER C 2 -4.13 -36.84 7.47
N GLN C 3 -3.30 -36.90 6.43
CA GLN C 3 -1.87 -36.49 6.48
C GLN C 3 -1.56 -35.03 6.84
N SER C 4 -0.51 -34.83 7.63
CA SER C 4 -0.21 -33.51 8.16
C SER C 4 1.23 -33.41 8.67
N VAL C 5 1.66 -32.16 8.90
CA VAL C 5 2.97 -31.86 9.45
C VAL C 5 2.78 -30.75 10.48
N LYS C 6 3.58 -30.72 11.54
CA LYS C 6 3.48 -29.65 12.52
C LYS C 6 4.84 -29.07 12.90
N GLU C 7 4.99 -27.76 12.70
CA GLU C 7 6.22 -27.05 13.09
C GLU C 7 6.17 -26.81 14.58
N SER C 8 7.34 -26.60 15.18
CA SER C 8 7.47 -26.41 16.62
C SER C 8 8.53 -25.36 16.93
N GLU C 9 8.71 -25.08 18.21
CA GLU C 9 9.96 -24.48 18.72
C GLU C 9 10.23 -23.02 18.29
N GLY C 10 9.18 -22.24 18.06
CA GLY C 10 9.33 -20.80 17.77
C GLY C 10 9.48 -20.01 19.05
N ASP C 11 10.08 -18.81 18.97
CA ASP C 11 10.47 -18.09 20.19
C ASP C 11 10.68 -16.59 19.98
N LEU C 12 10.76 -15.86 21.10
CA LEU C 12 11.25 -14.48 21.12
C LEU C 12 12.73 -14.52 21.47
N VAL C 13 13.55 -13.80 20.70
CA VAL C 13 15.01 -13.96 20.78
C VAL C 13 15.75 -12.67 20.40
N LYS C 14 16.94 -12.46 20.96
CA LYS C 14 17.69 -11.22 20.73
C LYS C 14 18.44 -11.29 19.39
N PRO C 15 18.78 -10.12 18.82
CA PRO C 15 19.58 -10.14 17.60
C PRO C 15 20.95 -10.77 17.84
N GLY C 16 21.41 -11.58 16.89
CA GLY C 16 22.71 -12.23 16.95
C GLY C 16 22.65 -13.66 17.47
N ALA C 17 21.45 -14.09 17.85
CA ALA C 17 21.27 -15.40 18.45
C ALA C 17 20.97 -16.48 17.41
N SER C 18 21.02 -17.73 17.87
CA SER C 18 20.73 -18.91 17.05
C SER C 18 19.41 -19.54 17.48
N LEU C 19 18.79 -20.27 16.55
CA LEU C 19 17.51 -20.94 16.84
C LEU C 19 17.27 -22.07 15.86
N THR C 20 16.69 -23.16 16.37
CA THR C 20 16.42 -24.34 15.57
C THR C 20 14.93 -24.66 15.58
N LEU C 21 14.37 -24.78 14.36
CA LEU C 21 12.98 -25.16 14.18
C LEU C 21 12.92 -26.62 13.78
N THR C 22 11.76 -27.21 14.00
CA THR C 22 11.57 -28.65 13.82
C THR C 22 10.17 -28.91 13.30
N CYS C 23 10.10 -29.71 12.25
CA CYS C 23 8.85 -30.07 11.60
C CYS C 23 8.71 -31.59 11.60
N LYS C 24 7.57 -32.07 12.07
CA LYS C 24 7.33 -33.49 12.31
C LYS C 24 6.13 -33.97 11.48
N ALA C 25 6.37 -34.97 10.63
CA ALA C 25 5.32 -35.48 9.75
C ALA C 25 4.40 -36.48 10.46
N SER C 26 3.20 -36.61 9.90
CA SER C 26 2.22 -37.60 10.32
C SER C 26 1.53 -38.22 9.09
N GLY C 27 1.47 -39.55 9.06
CA GLY C 27 0.81 -40.27 7.96
C GLY C 27 1.63 -40.43 6.68
N PHE C 28 2.89 -40.00 6.69
CA PHE C 28 3.75 -40.16 5.52
C PHE C 28 5.24 -40.05 5.83
N ASP C 29 6.06 -40.34 4.84
CA ASP C 29 7.50 -40.34 4.96
C ASP C 29 8.09 -39.35 3.97
N PHE C 30 9.31 -38.92 4.23
CA PHE C 30 10.03 -38.11 3.28
C PHE C 30 10.80 -38.95 2.24
N THR C 31 10.47 -40.23 2.13
CA THR C 31 11.17 -41.16 1.24
C THR C 31 10.85 -40.78 -0.20
N TRP C 32 9.61 -40.34 -0.42
CA TRP C 32 9.11 -40.00 -1.75
C TRP C 32 8.87 -38.51 -1.99
N TYR C 33 8.98 -37.67 -0.95
CA TYR C 33 8.75 -36.23 -1.12
C TYR C 33 9.88 -35.34 -0.61
N THR C 34 10.04 -34.21 -1.32
CA THR C 34 10.97 -33.15 -1.02
C THR C 34 10.23 -32.25 -0.06
N MET C 35 10.90 -31.80 1.01
CA MET C 35 10.28 -30.94 2.01
C MET C 35 10.92 -29.56 2.00
N ASN C 36 10.12 -28.55 2.32
CA ASN C 36 10.52 -27.14 2.18
C ASN C 36 10.29 -26.33 3.44
N TRP C 37 11.13 -25.32 3.65
CA TRP C 37 10.85 -24.32 4.64
C TRP C 37 10.51 -23.01 3.92
N VAL C 38 9.33 -22.48 4.19
CA VAL C 38 8.89 -21.21 3.63
C VAL C 38 8.47 -20.34 4.80
N ARG C 39 8.85 -19.07 4.81
CA ARG C 39 8.42 -18.16 5.87
C ARG C 39 7.56 -17.03 5.35
N GLN C 40 6.96 -16.30 6.29
CA GLN C 40 6.11 -15.18 5.97
C GLN C 40 6.26 -14.05 6.99
N ALA C 41 7.09 -13.06 6.65
CA ALA C 41 7.27 -11.89 7.51
C ALA C 41 5.97 -11.08 7.56
N PRO C 42 5.71 -10.35 8.67
CA PRO C 42 4.52 -9.50 8.73
C PRO C 42 4.52 -8.46 7.63
N GLY C 43 3.35 -8.26 7.02
CA GLY C 43 3.17 -7.25 5.98
C GLY C 43 3.65 -7.65 4.60
N LYS C 44 4.23 -8.82 4.48
CA LYS C 44 4.84 -9.18 3.21
C LYS C 44 4.57 -10.65 2.85
N GLY C 45 4.93 -11.00 1.63
CA GLY C 45 4.54 -12.28 1.05
C GLY C 45 5.42 -13.44 1.46
N LEU C 46 5.04 -14.62 0.97
CA LEU C 46 5.76 -15.87 1.16
C LEU C 46 7.14 -15.81 0.53
N GLU C 47 8.09 -16.43 1.20
CA GLU C 47 9.50 -16.41 0.81
C GLU C 47 10.06 -17.84 0.99
N TRP C 48 10.61 -18.40 -0.09
CA TRP C 48 11.19 -19.73 -0.03
C TRP C 48 12.56 -19.66 0.60
N ILE C 49 12.81 -20.54 1.57
CA ILE C 49 14.07 -20.51 2.32
C ILE C 49 14.99 -21.60 1.81
N ALA C 50 14.53 -22.84 1.95
CA ALA C 50 15.36 -24.00 1.62
C ALA C 50 14.56 -25.26 1.41
N SER C 51 15.11 -26.17 0.63
CA SER C 51 14.50 -27.46 0.38
C SER C 51 15.52 -28.58 0.61
N ILE C 52 15.01 -29.78 0.86
CA ILE C 52 15.87 -30.96 0.94
C ILE C 52 15.15 -32.13 0.27
N GLY C 53 15.89 -32.88 -0.54
CA GLY C 53 15.31 -33.86 -1.49
C GLY C 53 14.78 -35.13 -0.86
N ALA C 54 14.10 -35.97 -1.65
CA ALA C 54 13.46 -37.21 -1.17
C ALA C 54 14.47 -38.29 -0.81
N GLY C 55 14.13 -39.08 0.20
CA GLY C 55 14.95 -40.21 0.60
C GLY C 55 16.17 -39.79 1.37
N VAL C 56 16.93 -40.79 1.83
CA VAL C 56 18.12 -40.53 2.64
C VAL C 56 19.13 -39.65 1.90
N TYR C 57 19.31 -39.90 0.60
CA TYR C 57 20.33 -39.21 -0.18
C TYR C 57 19.82 -37.98 -0.90
N GLY C 58 18.64 -37.52 -0.54
CA GLY C 58 18.10 -36.28 -1.08
C GLY C 58 19.05 -35.11 -0.97
N SER C 59 18.98 -34.21 -1.94
CA SER C 59 19.90 -33.09 -2.05
C SER C 59 19.26 -31.81 -1.48
N ASN C 60 20.08 -30.84 -1.07
CA ASN C 60 19.63 -29.61 -0.48
C ASN C 60 19.81 -28.44 -1.44
N TYR C 61 18.89 -27.49 -1.37
CA TYR C 61 18.96 -26.27 -2.15
C TYR C 61 18.61 -25.12 -1.23
N TYR C 62 19.17 -23.94 -1.54
CA TYR C 62 18.95 -22.74 -0.73
C TYR C 62 18.59 -21.57 -1.61
N ALA C 63 17.79 -20.65 -1.08
CA ALA C 63 17.61 -19.35 -1.70
C ALA C 63 18.96 -18.65 -1.60
N SER C 64 19.29 -17.80 -2.57
CA SER C 64 20.54 -17.07 -2.57
C SER C 64 20.78 -16.39 -1.22
N TRP C 65 19.82 -15.57 -0.80
CA TRP C 65 19.94 -14.76 0.43
C TRP C 65 20.13 -15.56 1.73
N ALA C 66 19.87 -16.87 1.71
CA ALA C 66 19.78 -17.68 2.93
C ALA C 66 20.98 -18.58 3.22
N LYS C 67 21.91 -18.67 2.28
CA LYS C 67 22.99 -19.66 2.40
C LYS C 67 23.83 -19.61 3.68
N GLY C 68 24.29 -18.43 4.04
CA GLY C 68 25.21 -18.30 5.18
C GLY C 68 24.59 -18.62 6.52
N ARG C 69 23.37 -18.14 6.73
CA ARG C 69 22.75 -18.09 8.05
C ARG C 69 21.65 -19.15 8.29
N PHE C 70 21.34 -19.98 7.27
CA PHE C 70 20.42 -21.10 7.42
C PHE C 70 21.01 -22.45 6.98
N THR C 71 20.46 -23.53 7.56
CA THR C 71 20.85 -24.90 7.27
C THR C 71 19.64 -25.84 7.44
N ILE C 72 19.25 -26.48 6.34
CA ILE C 72 18.14 -27.43 6.33
C ILE C 72 18.66 -28.86 6.48
N SER C 73 17.91 -29.70 7.17
CA SER C 73 18.36 -31.05 7.49
C SER C 73 17.19 -32.04 7.68
N LYS C 74 17.43 -33.28 7.30
CA LYS C 74 16.52 -34.37 7.57
C LYS C 74 17.10 -35.15 8.72
N ALA C 75 16.60 -34.88 9.92
CA ALA C 75 17.07 -35.61 11.10
C ALA C 75 16.75 -37.09 10.93
N SER C 76 15.52 -37.36 10.52
CA SER C 76 15.04 -38.72 10.31
C SER C 76 14.03 -38.72 9.17
N SER C 77 13.47 -39.88 8.88
CA SER C 77 12.52 -40.00 7.78
C SER C 77 11.20 -39.25 8.03
N THR C 78 10.96 -38.82 9.28
CA THR C 78 9.74 -38.09 9.63
C THR C 78 9.97 -36.72 10.28
N THR C 79 11.22 -36.25 10.34
CA THR C 79 11.54 -34.99 11.03
C THR C 79 12.50 -34.13 10.21
N VAL C 80 12.09 -32.89 9.91
CA VAL C 80 12.96 -31.91 9.26
C VAL C 80 13.44 -30.86 10.27
N THR C 81 14.53 -30.18 9.92
CA THR C 81 15.17 -29.22 10.80
C THR C 81 15.57 -27.96 10.02
N LEU C 82 15.39 -26.81 10.66
CA LEU C 82 15.92 -25.57 10.15
C LEU C 82 16.76 -24.89 11.19
N GLN C 83 18.07 -24.83 10.96
CA GLN C 83 18.98 -24.10 11.82
C GLN C 83 19.14 -22.66 11.34
N MET C 84 18.87 -21.72 12.25
CA MET C 84 18.93 -20.30 11.97
C MET C 84 19.99 -19.69 12.87
N THR C 85 21.02 -19.09 12.28
CA THR C 85 22.24 -18.80 13.04
C THR C 85 22.41 -17.37 13.54
N SER C 86 22.32 -16.38 12.67
CA SER C 86 22.76 -15.04 13.07
C SER C 86 21.65 -14.00 12.91
N LEU C 87 20.56 -14.24 13.65
CA LEU C 87 19.27 -13.57 13.42
C LEU C 87 19.32 -12.05 13.48
N THR C 88 18.52 -11.42 12.63
CA THR C 88 18.31 -9.97 12.65
C THR C 88 16.80 -9.70 12.74
N VAL C 89 16.44 -8.43 12.94
CA VAL C 89 15.02 -8.06 13.11
C VAL C 89 14.16 -8.40 11.87
N ALA C 90 14.73 -8.23 10.68
CA ALA C 90 14.07 -8.60 9.43
C ALA C 90 13.78 -10.10 9.29
N ASP C 91 14.38 -10.93 10.15
CA ASP C 91 14.09 -12.38 10.15
C ASP C 91 12.84 -12.71 10.97
N THR C 92 12.18 -11.70 11.51
CA THR C 92 10.94 -11.91 12.24
C THR C 92 9.88 -12.38 11.27
N ALA C 93 9.33 -13.56 11.51
CA ALA C 93 8.30 -14.13 10.64
C ALA C 93 7.59 -15.34 11.23
N THR C 94 6.49 -15.71 10.58
CA THR C 94 5.87 -17.02 10.73
C THR C 94 6.60 -17.96 9.78
N TYR C 95 7.09 -19.09 10.31
CA TYR C 95 7.85 -20.08 9.53
C TYR C 95 7.06 -21.35 9.24
N PHE C 96 7.04 -21.76 7.97
CA PHE C 96 6.23 -22.90 7.48
C PHE C 96 7.05 -24.09 7.02
N CYS C 97 6.49 -25.27 7.26
CA CYS C 97 6.97 -26.52 6.70
C CYS C 97 5.97 -27.01 5.65
N ALA C 98 6.43 -27.32 4.44
CA ALA C 98 5.53 -27.66 3.35
C ALA C 98 6.05 -28.75 2.43
N ARG C 99 5.18 -29.71 2.14
CA ARG C 99 5.57 -30.89 1.40
C ARG C 99 5.31 -30.71 -0.09
N ASP C 100 6.35 -30.95 -0.87
CA ASP C 100 6.24 -30.97 -2.32
C ASP C 100 5.59 -32.29 -2.64
N GLY C 101 4.27 -32.26 -2.75
CA GLY C 101 3.50 -33.46 -3.07
C GLY C 101 3.74 -33.92 -4.48
N ILE C 102 3.55 -33.00 -5.43
CA ILE C 102 3.65 -33.32 -6.84
C ILE C 102 4.15 -32.11 -7.65
N ASN C 103 5.31 -32.29 -8.28
CA ASN C 103 5.90 -31.36 -9.25
C ASN C 103 5.78 -29.88 -8.88
N GLY C 104 6.04 -29.56 -7.61
CA GLY C 104 6.12 -28.15 -7.17
C GLY C 104 4.92 -27.61 -6.42
N GLY C 105 3.82 -28.34 -6.44
CA GLY C 105 2.65 -27.98 -5.66
C GLY C 105 2.84 -28.34 -4.19
N TYR C 106 2.91 -27.32 -3.36
CA TYR C 106 2.96 -27.54 -1.90
C TYR C 106 1.57 -27.91 -1.39
N ASP C 107 1.31 -29.18 -1.61
CA ASP C 107 0.11 -29.91 -1.26
C ASP C 107 -0.29 -29.69 0.20
N ILE C 108 0.67 -29.72 1.12
CA ILE C 108 0.34 -29.66 2.55
C ILE C 108 1.28 -28.76 3.35
N TRP C 109 0.71 -28.04 4.31
CA TRP C 109 1.40 -27.03 5.08
C TRP C 109 1.18 -27.26 6.54
N GLY C 110 2.10 -26.81 7.39
CA GLY C 110 1.83 -26.77 8.84
C GLY C 110 1.07 -25.51 9.19
N PRO C 111 0.78 -25.30 10.48
CA PRO C 111 0.20 -24.01 10.87
C PRO C 111 1.25 -22.88 10.90
N GLY C 112 2.48 -23.24 11.27
CA GLY C 112 3.59 -22.29 11.37
C GLY C 112 3.94 -21.95 12.81
N THR C 113 5.19 -21.51 13.02
CA THR C 113 5.63 -20.99 14.32
C THR C 113 6.17 -19.59 14.20
N LEU C 114 5.96 -18.79 15.24
CA LEU C 114 6.38 -17.42 15.22
C LEU C 114 7.80 -17.36 15.74
N VAL C 115 8.66 -16.68 15.00
CA VAL C 115 9.97 -16.32 15.47
C VAL C 115 10.02 -14.82 15.47
N THR C 116 10.33 -14.23 16.62
CA THR C 116 10.43 -12.79 16.74
C THR C 116 11.82 -12.44 17.23
N VAL C 117 12.44 -11.49 16.54
CA VAL C 117 13.76 -11.02 16.88
C VAL C 117 13.60 -9.57 17.33
N SER C 118 13.98 -9.27 18.57
CA SER C 118 13.80 -7.91 19.07
C SER C 118 14.75 -7.58 20.23
N SER C 119 14.82 -6.29 20.55
CA SER C 119 15.72 -5.76 21.58
C SER C 119 14.97 -5.47 22.88
N LEU D 1 16.98 -14.08 -10.25
CA LEU D 1 15.67 -14.80 -10.41
C LEU D 1 14.56 -14.21 -9.54
N VAL D 2 13.54 -13.65 -10.19
CA VAL D 2 12.37 -13.06 -9.50
C VAL D 2 11.05 -13.38 -10.23
N MET D 3 9.95 -13.31 -9.49
CA MET D 3 8.60 -13.40 -10.07
C MET D 3 7.80 -12.16 -9.69
N THR D 4 6.83 -11.79 -10.51
CA THR D 4 5.99 -10.61 -10.23
C THR D 4 4.51 -10.82 -10.55
N GLN D 5 3.66 -10.02 -9.89
CA GLN D 5 2.22 -9.93 -10.17
C GLN D 5 1.81 -8.49 -10.29
N THR D 6 0.63 -8.25 -10.88
CA THR D 6 0.06 -6.91 -11.03
C THR D 6 -1.47 -6.83 -10.80
N GLU D 7 -2.00 -6.02 -9.86
CA GLU D 7 -1.26 -5.31 -8.78
C GLU D 7 -1.95 -5.28 -7.38
N SER D 8 -3.08 -4.59 -7.24
CA SER D 8 -3.94 -4.65 -6.02
C SER D 8 -5.46 -4.62 -6.37
N PRO D 9 -5.95 -5.68 -7.06
CA PRO D 9 -7.21 -5.70 -7.81
C PRO D 9 -8.50 -5.89 -7.02
N VAL D 10 -9.57 -5.38 -7.62
CA VAL D 10 -10.92 -5.48 -7.11
C VAL D 10 -11.85 -6.01 -8.19
N SER D 11 -12.92 -6.71 -7.80
CA SER D 11 -13.83 -7.31 -8.77
C SER D 11 -15.21 -7.70 -8.22
N ALA D 12 -16.18 -7.75 -9.13
CA ALA D 12 -17.59 -7.84 -8.78
C ALA D 12 -18.06 -9.27 -8.48
N ALA D 13 -19.02 -9.38 -7.56
CA ALA D 13 -19.53 -10.66 -7.06
C ALA D 13 -19.97 -11.59 -8.17
N GLY D 15 -20.79 -13.57 -9.94
CA GLY D 15 -20.70 -14.03 -11.31
C GLY D 15 -19.58 -13.39 -12.12
N GLY D 16 -18.74 -12.58 -11.46
CA GLY D 16 -17.70 -11.86 -12.17
C GLY D 16 -16.54 -12.79 -12.50
N THR D 17 -15.59 -12.29 -13.26
CA THR D 17 -14.42 -13.04 -13.64
C THR D 17 -13.21 -12.15 -13.36
N VAL D 18 -12.12 -12.75 -12.87
CA VAL D 18 -10.86 -12.03 -12.74
C VAL D 18 -9.74 -12.87 -13.27
N THR D 19 -8.73 -12.17 -13.77
CA THR D 19 -7.55 -12.78 -14.32
C THR D 19 -6.35 -12.20 -13.59
N ILE D 20 -5.55 -13.08 -13.01
CA ILE D 20 -4.37 -12.70 -12.26
C ILE D 20 -3.14 -13.12 -13.07
N LYS D 21 -2.29 -12.14 -13.38
CA LYS D 21 -1.17 -12.33 -14.28
C LYS D 21 0.14 -12.58 -13.52
N CYS D 22 0.93 -13.56 -13.99
CA CYS D 22 2.20 -13.92 -13.36
C CYS D 22 3.38 -14.02 -14.34
N GLN D 23 4.50 -13.42 -13.97
CA GLN D 23 5.71 -13.41 -14.78
C GLN D 23 6.86 -14.04 -14.02
N SER D 24 7.78 -14.70 -14.72
CA SER D 24 9.05 -15.10 -14.14
C SER D 24 10.22 -14.73 -15.06
N SER D 25 11.31 -14.28 -14.47
CA SER D 25 12.46 -13.77 -15.22
C SER D 25 13.22 -14.86 -15.96
N GLN D 26 13.29 -16.04 -15.36
CA GLN D 26 13.79 -17.24 -16.05
C GLN D 26 12.59 -18.10 -16.42
N SER D 27 12.73 -18.93 -17.45
CA SER D 27 11.68 -19.87 -17.82
C SER D 27 11.68 -21.05 -16.84
N VAL D 28 10.49 -21.47 -16.41
CA VAL D 28 10.40 -22.48 -15.35
C VAL D 28 10.94 -23.83 -15.80
N TYR D 29 11.33 -24.65 -14.83
CA TYR D 29 11.80 -26.01 -15.08
C TYR D 29 10.61 -26.95 -15.13
N ASN D 30 10.62 -27.86 -16.10
CA ASN D 30 9.48 -28.73 -16.33
C ASN D 30 8.29 -27.79 -16.59
N ASN D 31 7.12 -28.07 -16.03
CA ASN D 31 6.01 -27.13 -16.14
C ASN D 31 5.68 -26.69 -14.74
N ARG D 32 6.72 -26.48 -13.93
CA ARG D 32 6.57 -26.29 -12.49
C ARG D 32 6.12 -24.88 -12.15
N LEU D 33 4.83 -24.62 -12.31
CA LEU D 33 4.20 -23.41 -11.77
C LEU D 33 2.85 -23.74 -11.16
N ALA D 34 2.68 -23.27 -9.92
CA ALA D 34 1.56 -23.64 -9.07
C ALA D 34 0.96 -22.39 -8.41
N TRP D 35 -0.28 -22.53 -7.96
CA TRP D 35 -1.03 -21.39 -7.46
C TRP D 35 -1.61 -21.68 -6.08
N TYR D 36 -1.63 -20.67 -5.23
CA TYR D 36 -2.14 -20.81 -3.86
C TYR D 36 -3.06 -19.65 -3.52
N GLN D 37 -4.04 -19.88 -2.66
CA GLN D 37 -4.76 -18.77 -1.99
C GLN D 37 -4.50 -18.84 -0.48
N GLN D 38 -4.32 -17.68 0.15
CA GLN D 38 -4.17 -17.62 1.60
C GLN D 38 -5.18 -16.63 2.15
N LYS D 39 -6.13 -17.14 2.93
CA LYS D 39 -7.07 -16.28 3.65
C LYS D 39 -6.41 -15.87 4.97
N PRO D 40 -6.71 -14.66 5.48
CA PRO D 40 -5.98 -14.19 6.64
C PRO D 40 -6.18 -15.10 7.86
N GLY D 41 -5.14 -15.27 8.67
CA GLY D 41 -5.20 -16.16 9.82
C GLY D 41 -5.15 -17.64 9.44
N GLN D 42 -4.83 -17.96 8.19
CA GLN D 42 -4.80 -19.34 7.69
C GLN D 42 -3.51 -19.62 6.91
N ARG D 43 -3.15 -20.90 6.85
CA ARG D 43 -2.04 -21.34 6.05
C ARG D 43 -2.44 -21.36 4.57
N PRO D 44 -1.46 -21.28 3.65
CA PRO D 44 -1.72 -21.36 2.22
C PRO D 44 -2.46 -22.63 1.81
N LYS D 45 -3.23 -22.53 0.73
CA LYS D 45 -3.93 -23.67 0.19
C LYS D 45 -3.65 -23.80 -1.30
N LEU D 46 -3.28 -25.01 -1.72
CA LEU D 46 -2.86 -25.27 -3.10
C LEU D 46 -4.07 -25.31 -3.98
N LEU D 47 -3.99 -24.62 -5.12
CA LEU D 47 -5.11 -24.47 -6.01
C LEU D 47 -4.88 -25.20 -7.30
N ILE D 48 -3.77 -24.84 -7.93
CA ILE D 48 -3.37 -25.38 -9.22
C ILE D 48 -1.90 -25.77 -9.11
N TYR D 49 -1.55 -26.88 -9.76
CA TYR D 49 -0.17 -27.26 -9.95
C TYR D 49 0.09 -27.63 -11.41
N SER D 50 1.37 -27.67 -11.77
CA SER D 50 1.81 -27.99 -13.13
C SER D 50 1.18 -27.04 -14.14
N ALA D 51 1.16 -25.75 -13.78
CA ALA D 51 0.58 -24.67 -14.59
C ALA D 51 -0.92 -24.69 -14.73
N SER D 52 -1.52 -25.85 -15.03
CA SER D 52 -2.96 -25.91 -15.33
C SER D 52 -3.77 -27.05 -14.69
N THR D 53 -3.15 -27.86 -13.83
CA THR D 53 -3.86 -28.99 -13.22
C THR D 53 -4.44 -28.61 -11.85
N LEU D 54 -5.71 -28.95 -11.62
CA LEU D 54 -6.44 -28.64 -10.37
C LEU D 54 -6.01 -29.53 -9.21
N ALA D 55 -5.98 -28.95 -8.01
CA ALA D 55 -5.64 -29.71 -6.79
C ALA D 55 -6.89 -30.32 -6.20
N SER D 56 -6.74 -31.06 -5.11
CA SER D 56 -7.83 -31.84 -4.55
C SER D 56 -8.87 -30.95 -3.87
N GLY D 57 -10.15 -31.19 -4.19
CA GLY D 57 -11.26 -30.41 -3.65
C GLY D 57 -11.55 -29.05 -4.30
N VAL D 58 -10.63 -28.58 -5.15
CA VAL D 58 -10.75 -27.23 -5.73
C VAL D 58 -11.78 -27.21 -6.88
N PRO D 59 -12.67 -26.21 -6.90
CA PRO D 59 -13.89 -26.25 -7.76
C PRO D 59 -13.85 -26.29 -9.30
N SER D 60 -13.04 -25.45 -9.94
CA SER D 60 -13.02 -25.31 -11.43
C SER D 60 -13.90 -24.18 -11.93
N ARG D 61 -14.34 -23.35 -11.00
CA ARG D 61 -14.33 -21.93 -11.26
C ARG D 61 -12.87 -21.48 -11.51
N PHE D 62 -11.93 -22.21 -10.92
CA PHE D 62 -10.51 -21.88 -11.01
C PHE D 62 -9.82 -22.56 -12.18
N LYS D 63 -9.20 -21.76 -13.04
CA LYS D 63 -8.39 -22.26 -14.14
C LYS D 63 -7.04 -21.55 -14.19
N GLY D 64 -6.02 -22.32 -14.54
CA GLY D 64 -4.69 -21.78 -14.71
C GLY D 64 -4.25 -21.99 -16.14
N SER D 65 -3.43 -21.07 -16.63
CA SER D 65 -2.93 -21.16 -17.99
C SER D 65 -1.52 -20.63 -18.10
N GLY D 66 -0.91 -20.94 -19.23
CA GLY D 66 0.41 -20.44 -19.60
C GLY D 66 1.52 -21.47 -19.76
N SER D 67 2.61 -20.94 -20.28
CA SER D 67 3.92 -21.58 -20.22
C SER D 67 4.95 -20.45 -20.33
N GLY D 68 6.16 -20.68 -19.85
CA GLY D 68 7.14 -19.59 -19.76
C GLY D 68 7.76 -19.52 -18.37
N THR D 69 7.86 -18.36 -17.71
CA THR D 69 7.61 -16.97 -18.18
C THR D 69 6.20 -16.38 -17.95
N GLN D 70 5.22 -16.71 -18.80
CA GLN D 70 3.89 -16.10 -18.69
C GLN D 70 2.82 -17.05 -18.22
N PHE D 71 2.18 -16.70 -17.12
CA PHE D 71 1.08 -17.48 -16.61
C PHE D 71 -0.08 -16.59 -16.18
N THR D 72 -1.27 -17.19 -16.19
CA THR D 72 -2.48 -16.52 -15.80
C THR D 72 -3.32 -17.47 -14.95
N LEU D 73 -4.03 -16.91 -13.97
CA LEU D 73 -5.07 -17.65 -13.21
C LEU D 73 -6.38 -16.86 -13.31
N THR D 74 -7.39 -17.49 -13.90
CA THR D 74 -8.68 -16.84 -14.06
C THR D 74 -9.71 -17.55 -13.18
N ILE D 75 -10.33 -16.80 -12.29
CA ILE D 75 -11.43 -17.31 -11.48
C ILE D 75 -12.71 -16.77 -12.10
N SER D 76 -13.66 -17.66 -12.36
CA SER D 76 -14.96 -17.27 -12.92
C SER D 76 -16.06 -17.54 -11.92
N ASP D 77 -17.24 -16.95 -12.15
CA ASP D 77 -18.41 -17.21 -11.31
C ASP D 77 -18.10 -16.85 -9.85
N LEU D 78 -17.54 -15.66 -9.65
CA LEU D 78 -16.94 -15.29 -8.36
C LEU D 78 -17.93 -15.30 -7.21
N GLU D 79 -17.44 -15.71 -6.05
CA GLU D 79 -18.22 -15.73 -4.81
C GLU D 79 -17.46 -14.92 -3.78
N TRP D 80 -18.10 -14.61 -2.66
CA TRP D 80 -17.53 -13.77 -1.62
C TRP D 80 -16.35 -14.48 -0.97
N GLY D 81 -16.47 -15.78 -0.73
CA GLY D 81 -15.40 -16.58 -0.12
C GLY D 81 -14.10 -16.69 -0.90
N ASP D 82 -14.00 -16.00 -2.05
CA ASP D 82 -12.79 -15.93 -2.86
C ASP D 82 -11.95 -14.70 -2.56
N ALA D 83 -12.45 -13.79 -1.72
CA ALA D 83 -11.63 -12.66 -1.30
C ALA D 83 -10.54 -13.23 -0.38
N ALA D 84 -9.29 -13.03 -0.80
CA ALA D 84 -8.13 -13.70 -0.23
C ALA D 84 -6.91 -13.11 -0.92
N THR D 85 -5.73 -13.60 -0.59
CA THR D 85 -4.56 -13.22 -1.35
C THR D 85 -4.12 -14.43 -2.17
N TYR D 86 -3.60 -14.17 -3.36
CA TYR D 86 -3.21 -15.23 -4.27
C TYR D 86 -1.73 -15.14 -4.59
N TYR D 87 -1.09 -16.30 -4.63
CA TYR D 87 0.36 -16.41 -4.80
C TYR D 87 0.72 -17.32 -5.96
N CYS D 88 1.89 -17.00 -6.52
CA CYS D 88 2.54 -17.68 -7.62
C CYS D 88 3.78 -18.33 -7.09
N HIS D 89 4.20 -19.41 -7.73
CA HIS D 89 5.29 -20.23 -7.20
C HIS D 89 5.81 -21.14 -8.28
N GLY D 90 7.10 -21.01 -8.61
CA GLY D 90 7.71 -21.75 -9.72
C GLY D 90 9.00 -22.48 -9.38
N GLY D 91 9.24 -23.57 -10.10
CA GLY D 91 10.48 -24.38 -9.96
C GLY D 91 11.50 -24.09 -11.05
N TYR D 92 12.79 -24.25 -10.72
CA TYR D 92 13.89 -23.93 -11.63
C TYR D 92 15.04 -24.93 -11.48
N ARG D 93 16.25 -24.59 -11.91
CA ARG D 93 17.45 -25.45 -11.77
C ARG D 93 18.62 -24.85 -10.94
N SER D 94 18.91 -25.50 -9.79
CA SER D 94 20.01 -25.13 -8.86
C SER D 94 21.25 -26.08 -8.92
N ASP D 97 18.99 -21.92 -6.65
CA ASP D 97 17.77 -21.11 -6.57
C ASP D 97 16.51 -21.86 -7.06
N ARG D 98 16.36 -23.06 -6.49
CA ARG D 98 15.50 -24.09 -7.03
C ARG D 98 14.01 -23.67 -7.12
N TYR D 99 13.53 -22.96 -6.12
CA TYR D 99 12.12 -22.54 -6.06
C TYR D 99 11.99 -21.05 -5.70
N ALA D 100 10.88 -20.43 -6.13
CA ALA D 100 10.61 -19.01 -5.81
C ALA D 100 9.11 -18.61 -5.79
N PHE D 101 8.79 -17.69 -4.88
CA PHE D 101 7.44 -17.14 -4.72
C PHE D 101 7.40 -15.69 -5.18
N SER D 102 6.21 -15.25 -5.56
CA SER D 102 5.97 -13.86 -5.95
C SER D 102 5.53 -13.03 -4.75
N GLY D 103 5.07 -11.80 -5.04
CA GLY D 103 4.70 -10.83 -4.03
C GLY D 103 3.34 -11.06 -3.42
N GLY D 104 2.41 -11.59 -4.21
CA GLY D 104 1.04 -11.85 -3.74
C GLY D 104 0.08 -10.76 -4.15
N THR D 105 -1.05 -11.17 -4.72
CA THR D 105 -2.10 -10.27 -5.22
C THR D 105 -3.37 -10.47 -4.38
N GLU D 106 -3.72 -9.47 -3.58
CA GLU D 106 -4.94 -9.51 -2.78
C GLU D 106 -6.19 -9.28 -3.66
N LEU D 107 -7.25 -10.06 -3.44
CA LEU D 107 -8.46 -9.96 -4.26
C LEU D 107 -9.62 -9.42 -3.47
N GLU D 108 -10.07 -8.24 -3.85
CA GLU D 108 -11.18 -7.55 -3.18
C GLU D 108 -12.43 -7.88 -3.97
N ILE D 109 -13.38 -8.53 -3.33
CA ILE D 109 -14.66 -8.88 -3.96
C ILE D 109 -15.68 -7.77 -3.70
N LEU D 110 -16.40 -7.36 -4.74
CA LEU D 110 -17.24 -6.16 -4.71
C LEU D 110 -18.69 -6.48 -5.13
N SER D 111 -19.65 -5.72 -4.64
CA SER D 111 -21.05 -5.88 -5.07
C SER D 111 -21.21 -5.73 -6.58
N SER D 112 -22.25 -6.33 -7.14
CA SER D 112 -22.61 -6.14 -8.55
C SER D 112 -23.85 -5.23 -8.63
N GLN E 3 -2.08 -16.65 15.02
CA GLN E 3 -2.26 -15.17 15.04
C GLN E 3 -3.19 -14.67 16.14
N SER E 4 -2.79 -13.60 16.80
CA SER E 4 -3.51 -13.11 17.97
C SER E 4 -3.17 -11.65 18.29
N VAL E 5 -3.99 -11.05 19.14
CA VAL E 5 -3.80 -9.71 19.63
C VAL E 5 -4.10 -9.70 21.13
N LYS E 6 -3.42 -8.87 21.91
CA LYS E 6 -3.74 -8.79 23.33
C LYS E 6 -3.86 -7.37 23.84
N GLU E 7 -5.00 -7.06 24.44
CA GLU E 7 -5.23 -5.74 25.03
C GLU E 7 -4.53 -5.70 26.37
N SER E 8 -4.25 -4.49 26.83
CA SER E 8 -3.55 -4.28 28.10
C SER E 8 -4.14 -3.09 28.84
N GLU E 9 -3.58 -2.82 30.04
CA GLU E 9 -3.66 -1.49 30.66
C GLU E 9 -5.07 -1.04 31.12
N GLY E 10 -5.92 -2.00 31.50
CA GLY E 10 -7.24 -1.68 32.09
C GLY E 10 -7.10 -1.36 33.57
N ASP E 11 -8.06 -0.62 34.15
CA ASP E 11 -7.88 -0.10 35.50
C ASP E 11 -9.18 0.29 36.19
N LEU E 12 -9.10 0.52 37.50
CA LEU E 12 -10.16 1.16 38.28
C LEU E 12 -9.81 2.64 38.38
N VAL E 13 -10.77 3.52 38.10
CA VAL E 13 -10.48 4.94 37.92
C VAL E 13 -11.68 5.83 38.28
N LYS E 14 -11.42 7.05 38.73
CA LYS E 14 -12.49 7.94 39.17
C LYS E 14 -13.16 8.64 37.99
N PRO E 15 -14.41 9.12 38.18
CA PRO E 15 -15.06 9.85 37.10
C PRO E 15 -14.32 11.14 36.78
N GLY E 16 -14.19 11.45 35.48
CA GLY E 16 -13.52 12.65 35.02
C GLY E 16 -12.07 12.43 34.60
N ALA E 17 -11.59 11.20 34.79
CA ALA E 17 -10.19 10.89 34.54
C ALA E 17 -9.95 10.40 33.09
N SER E 18 -8.67 10.31 32.74
CA SER E 18 -8.23 9.84 31.43
C SER E 18 -7.59 8.47 31.55
N LEU E 19 -7.60 7.72 30.45
CA LEU E 19 -6.99 6.40 30.41
C LEU E 19 -6.67 5.98 28.98
N THR E 20 -5.53 5.29 28.82
CA THR E 20 -5.08 4.83 27.51
C THR E 20 -4.92 3.32 27.49
N LEU E 21 -5.58 2.70 26.50
CA LEU E 21 -5.50 1.27 26.29
C LEU E 21 -4.58 1.01 25.14
N THR E 22 -4.08 -0.22 25.08
CA THR E 22 -3.05 -0.59 24.12
C THR E 22 -3.28 -2.04 23.70
N CYS E 23 -3.26 -2.26 22.39
CA CYS E 23 -3.48 -3.57 21.79
C CYS E 23 -2.25 -3.90 20.93
N LYS E 24 -1.68 -5.08 21.15
CA LYS E 24 -0.44 -5.50 20.53
C LYS E 24 -0.64 -6.78 19.72
N ALA E 25 -0.32 -6.71 18.43
CA ALA E 25 -0.51 -7.85 17.54
C ALA E 25 0.61 -8.88 17.63
N SER E 26 0.30 -10.12 17.24
CA SER E 26 1.28 -11.21 17.09
C SER E 26 0.98 -11.98 15.80
N GLY E 27 2.01 -12.21 14.99
CA GLY E 27 1.89 -12.98 13.75
C GLY E 27 1.34 -12.25 12.54
N PHE E 28 1.10 -10.94 12.66
CA PHE E 28 0.61 -10.15 11.52
C PHE E 28 0.81 -8.65 11.70
N ASP E 29 0.54 -7.92 10.63
CA ASP E 29 0.74 -6.48 10.58
C ASP E 29 -0.58 -5.81 10.30
N PHE E 30 -0.67 -4.52 10.62
CA PHE E 30 -1.83 -3.72 10.26
C PHE E 30 -1.68 -3.11 8.87
N THR E 31 -0.74 -3.61 8.08
CA THR E 31 -0.48 -3.08 6.73
C THR E 31 -1.65 -3.41 5.82
N TRP E 32 -2.24 -4.59 6.01
CA TRP E 32 -3.35 -5.08 5.19
C TRP E 32 -4.70 -5.15 5.89
N TYR E 33 -4.76 -4.87 7.21
CA TYR E 33 -6.04 -4.92 7.94
C TYR E 33 -6.38 -3.68 8.75
N THR E 34 -7.68 -3.40 8.81
CA THR E 34 -8.29 -2.33 9.58
C THR E 34 -8.52 -2.90 10.96
N MET E 35 -8.19 -2.14 12.01
CA MET E 35 -8.32 -2.60 13.39
C MET E 35 -9.38 -1.79 14.13
N ASN E 36 -10.08 -2.44 15.06
CA ASN E 36 -11.25 -1.86 15.71
C ASN E 36 -11.17 -1.94 17.23
N TRP E 37 -11.77 -0.97 17.90
CA TRP E 37 -12.02 -1.09 19.32
C TRP E 37 -13.52 -1.27 19.53
N VAL E 38 -13.88 -2.36 20.19
CA VAL E 38 -15.27 -2.67 20.52
C VAL E 38 -15.31 -2.92 22.01
N ARG E 39 -16.29 -2.37 22.72
CA ARG E 39 -16.43 -2.65 24.15
C ARG E 39 -17.71 -3.39 24.48
N GLN E 40 -17.80 -3.87 25.72
CA GLN E 40 -18.96 -4.59 26.21
C GLN E 40 -19.24 -4.26 27.68
N ALA E 41 -20.18 -3.34 27.91
CA ALA E 41 -20.57 -2.99 29.28
C ALA E 41 -21.28 -4.18 29.94
N PRO E 42 -21.22 -4.30 31.29
CA PRO E 42 -21.93 -5.39 31.96
C PRO E 42 -23.43 -5.32 31.70
N GLY E 43 -24.04 -6.48 31.44
CA GLY E 43 -25.47 -6.57 31.18
C GLY E 43 -25.89 -6.14 29.79
N LYS E 44 -24.95 -5.62 28.99
CA LYS E 44 -25.27 -4.98 27.73
C LYS E 44 -24.49 -5.60 26.58
N GLY E 45 -24.93 -5.33 25.35
CA GLY E 45 -24.31 -5.91 24.16
C GLY E 45 -23.07 -5.19 23.70
N LEU E 46 -22.45 -5.77 22.65
CA LEU E 46 -21.28 -5.19 21.98
C LEU E 46 -21.58 -3.83 21.34
N GLU E 47 -20.60 -2.93 21.41
CA GLU E 47 -20.73 -1.56 20.96
C GLU E 47 -19.44 -1.17 20.21
N TRP E 48 -19.59 -0.74 18.96
CA TRP E 48 -18.43 -0.32 18.17
C TRP E 48 -17.99 1.08 18.57
N ILE E 49 -16.69 1.26 18.80
CA ILE E 49 -16.18 2.52 19.30
C ILE E 49 -15.51 3.27 18.17
N ALA E 50 -14.46 2.68 17.61
CA ALA E 50 -13.66 3.34 16.60
C ALA E 50 -12.82 2.37 15.78
N SER E 51 -12.52 2.76 14.54
CA SER E 51 -11.69 1.96 13.65
C SER E 51 -10.58 2.81 13.10
N ILE E 52 -9.51 2.16 12.67
CA ILE E 52 -8.47 2.86 11.95
C ILE E 52 -8.00 1.97 10.77
N GLY E 53 -7.80 2.58 9.60
CA GLY E 53 -7.61 1.85 8.33
C GLY E 53 -6.27 1.18 8.16
N ALA E 54 -6.14 0.36 7.13
CA ALA E 54 -4.90 -0.40 6.85
C ALA E 54 -3.75 0.48 6.41
N GLY E 55 -2.54 0.08 6.79
CA GLY E 55 -1.33 0.75 6.33
C GLY E 55 -1.10 2.08 7.03
N VAL E 56 0.01 2.72 6.65
CA VAL E 56 0.42 3.98 7.22
C VAL E 56 -0.64 5.05 7.04
N TYR E 57 -1.24 5.10 5.86
CA TYR E 57 -2.21 6.15 5.54
C TYR E 57 -3.64 5.79 5.84
N GLY E 58 -3.86 4.70 6.56
CA GLY E 58 -5.20 4.29 6.94
C GLY E 58 -5.96 5.41 7.64
N SER E 59 -7.27 5.44 7.40
CA SER E 59 -8.13 6.51 7.91
C SER E 59 -8.84 6.04 9.18
N ASN E 60 -9.29 7.00 9.99
CA ASN E 60 -10.03 6.70 11.23
C ASN E 60 -11.51 7.03 11.08
N TYR E 61 -12.34 6.27 11.79
CA TYR E 61 -13.77 6.48 11.85
C TYR E 61 -14.18 6.30 13.31
N TYR E 62 -15.25 6.98 13.68
CA TYR E 62 -15.76 6.95 15.05
C TYR E 62 -17.25 6.70 15.05
N ALA E 63 -17.74 6.05 16.10
CA ALA E 63 -19.17 6.04 16.37
C ALA E 63 -19.56 7.47 16.70
N SER E 64 -20.78 7.87 16.36
CA SER E 64 -21.25 9.22 16.65
C SER E 64 -21.00 9.60 18.11
N TRP E 65 -21.51 8.79 19.03
CA TRP E 65 -21.40 9.06 20.48
C TRP E 65 -19.98 9.19 21.05
N ALA E 66 -18.96 8.74 20.30
CA ALA E 66 -17.61 8.57 20.83
C ALA E 66 -16.61 9.67 20.43
N LYS E 67 -17.00 10.54 19.51
CA LYS E 67 -16.03 11.48 18.94
C LYS E 67 -15.26 12.37 19.91
N GLY E 68 -15.97 12.99 20.85
CA GLY E 68 -15.36 13.97 21.73
C GLY E 68 -14.33 13.40 22.69
N ARG E 69 -14.66 12.25 23.28
CA ARG E 69 -13.88 11.72 24.42
C ARG E 69 -13.05 10.45 24.11
N PHE E 70 -13.06 9.98 22.87
CA PHE E 70 -12.16 8.89 22.42
C PHE E 70 -11.29 9.29 21.23
N THR E 71 -10.14 8.64 21.11
CA THR E 71 -9.17 8.85 20.04
C THR E 71 -8.43 7.54 19.73
N ILE E 72 -8.59 7.02 18.52
CA ILE E 72 -7.91 5.79 18.08
C ILE E 72 -6.62 6.14 17.33
N SER E 73 -5.60 5.30 17.49
CA SER E 73 -4.31 5.58 16.89
C SER E 73 -3.50 4.32 16.59
N LYS E 74 -2.72 4.37 15.53
CA LYS E 74 -1.76 3.32 15.21
C LYS E 74 -0.39 3.87 15.64
N ALA E 75 0.06 3.44 16.81
CA ALA E 75 1.38 3.86 17.30
C ALA E 75 2.43 3.34 16.33
N SER E 76 2.30 2.06 15.97
CA SER E 76 3.24 1.39 15.06
C SER E 76 2.48 0.35 14.25
N SER E 77 3.20 -0.39 13.40
CA SER E 77 2.56 -1.38 12.56
C SER E 77 1.99 -2.57 13.34
N THR E 78 2.35 -2.70 14.61
CA THR E 78 1.87 -3.80 15.44
C THR E 78 1.19 -3.37 16.75
N THR E 79 0.96 -2.07 16.93
CA THR E 79 0.37 -1.58 18.18
C THR E 79 -0.71 -0.53 17.91
N VAL E 80 -1.91 -0.78 18.43
CA VAL E 80 -2.99 0.22 18.38
C VAL E 80 -3.22 0.84 19.76
N THR E 81 -3.87 2.00 19.77
CA THR E 81 -4.07 2.79 20.97
C THR E 81 -5.50 3.34 21.02
N LEU E 82 -6.07 3.33 22.23
CA LEU E 82 -7.35 3.98 22.48
C LEU E 82 -7.20 4.95 23.64
N GLN E 83 -7.30 6.24 23.34
CA GLN E 83 -7.26 7.28 24.36
C GLN E 83 -8.69 7.64 24.80
N MET E 84 -8.94 7.50 26.11
CA MET E 84 -10.26 7.71 26.72
C MET E 84 -10.17 8.85 27.74
N THR E 85 -11.00 9.89 27.58
CA THR E 85 -10.91 11.12 28.38
C THR E 85 -12.29 11.47 29.10
N SER E 86 -12.29 12.27 30.18
CA SER E 86 -13.51 12.48 31.02
C SER E 86 -14.53 11.31 31.09
N LEU E 87 -14.01 10.16 31.50
CA LEU E 87 -14.78 8.94 31.76
C LEU E 87 -15.96 9.16 32.69
N THR E 88 -17.03 8.42 32.45
CA THR E 88 -18.21 8.41 33.33
C THR E 88 -18.51 6.97 33.72
N VAL E 89 -19.43 6.77 34.65
CA VAL E 89 -19.73 5.43 35.15
C VAL E 89 -20.27 4.49 34.05
N ALA E 90 -21.06 5.03 33.13
CA ALA E 90 -21.56 4.27 31.98
C ALA E 90 -20.45 3.76 31.03
N ASP E 91 -19.22 4.29 31.16
CA ASP E 91 -18.09 3.82 30.36
C ASP E 91 -17.43 2.58 30.96
N THR E 92 -17.99 2.07 32.05
CA THR E 92 -17.48 0.86 32.67
C THR E 92 -17.77 -0.31 31.73
N ALA E 93 -16.71 -0.99 31.28
CA ALA E 93 -16.85 -2.11 30.34
C ALA E 93 -15.57 -2.94 30.15
N THR E 94 -15.76 -4.10 29.54
CA THR E 94 -14.69 -4.89 28.97
C THR E 94 -14.43 -4.33 27.58
N TYR E 95 -13.18 -3.94 27.29
CA TYR E 95 -12.78 -3.33 26.01
C TYR E 95 -12.00 -4.31 25.14
N PHE E 96 -12.44 -4.44 23.88
CA PHE E 96 -11.88 -5.40 22.92
C PHE E 96 -11.12 -4.75 21.76
N CYS E 97 -10.08 -5.43 21.32
CA CYS E 97 -9.37 -5.13 20.10
C CYS E 97 -9.70 -6.23 19.07
N ALA E 98 -10.11 -5.86 17.87
CA ALA E 98 -10.56 -6.84 16.88
C ALA E 98 -10.16 -6.51 15.45
N ARG E 99 -9.64 -7.50 14.74
CA ARG E 99 -9.11 -7.29 13.42
C ARG E 99 -10.16 -7.56 12.35
N ASP E 100 -10.34 -6.59 11.46
CA ASP E 100 -11.18 -6.77 10.28
C ASP E 100 -10.38 -7.61 9.32
N GLY E 101 -10.58 -8.92 9.38
CA GLY E 101 -9.86 -9.86 8.52
C GLY E 101 -10.30 -9.77 7.08
N ILE E 102 -11.59 -9.93 6.86
CA ILE E 102 -12.15 -9.91 5.49
C ILE E 102 -13.55 -9.28 5.52
N ASN E 103 -13.69 -8.21 4.74
CA ASN E 103 -14.97 -7.59 4.39
C ASN E 103 -15.94 -7.44 5.57
N GLY E 104 -15.44 -7.03 6.74
CA GLY E 104 -16.28 -6.73 7.92
C GLY E 104 -16.35 -7.79 9.00
N GLY E 105 -15.88 -8.99 8.72
CA GLY E 105 -15.83 -10.05 9.70
C GLY E 105 -14.66 -9.86 10.67
N TYR E 106 -14.98 -9.61 11.93
CA TYR E 106 -13.96 -9.55 12.98
C TYR E 106 -13.48 -10.96 13.31
N ASP E 107 -12.61 -11.40 12.43
CA ASP E 107 -11.92 -12.67 12.42
C ASP E 107 -11.26 -12.98 13.78
N ILE E 108 -10.61 -12.00 14.39
CA ILE E 108 -9.84 -12.27 15.60
C ILE E 108 -10.00 -11.19 16.66
N TRP E 109 -10.06 -11.63 17.91
CA TRP E 109 -10.38 -10.79 19.06
C TRP E 109 -9.33 -10.98 20.14
N GLY E 110 -9.12 -9.98 20.98
CA GLY E 110 -8.34 -10.19 22.21
C GLY E 110 -9.21 -10.78 23.32
N PRO E 111 -8.64 -10.96 24.51
CA PRO E 111 -9.49 -11.37 25.64
C PRO E 111 -10.30 -10.19 26.19
N GLY E 112 -9.71 -9.00 26.15
CA GLY E 112 -10.30 -7.80 26.68
C GLY E 112 -9.68 -7.35 28.00
N THR E 113 -9.80 -6.05 28.29
CA THR E 113 -9.40 -5.49 29.59
C THR E 113 -10.56 -4.78 30.26
N LEU E 114 -10.60 -4.85 31.58
CA LEU E 114 -11.68 -4.25 32.32
C LEU E 114 -11.30 -2.82 32.62
N VAL E 115 -12.22 -1.92 32.33
CA VAL E 115 -12.10 -0.56 32.79
C VAL E 115 -13.33 -0.32 33.66
N THR E 116 -13.09 0.11 34.90
CA THR E 116 -14.17 0.41 35.82
C THR E 116 -14.05 1.85 36.27
N VAL E 117 -15.17 2.56 36.20
CA VAL E 117 -15.23 3.95 36.61
C VAL E 117 -16.16 3.99 37.84
N SER E 118 -15.63 4.45 38.96
CA SER E 118 -16.43 4.45 40.20
C SER E 118 -15.86 5.36 41.28
N SER E 119 -16.54 5.39 42.42
CA SER E 119 -16.05 6.03 43.64
C SER E 119 -16.38 5.14 44.84
N LEU F 1 -28.43 5.77 12.40
CA LEU F 1 -28.05 4.37 12.02
C LEU F 1 -28.15 3.40 13.20
N VAL F 2 -29.07 2.43 13.11
CA VAL F 2 -29.20 1.34 14.10
C VAL F 2 -29.46 -0.03 13.47
N MET F 3 -29.17 -1.08 14.23
CA MET F 3 -29.57 -2.43 13.86
C MET F 3 -30.43 -3.03 14.97
N THR F 4 -31.29 -3.98 14.62
CA THR F 4 -32.14 -4.62 15.61
C THR F 4 -32.23 -6.12 15.41
N GLN F 5 -32.46 -6.82 16.51
CA GLN F 5 -32.34 -8.27 16.53
C GLN F 5 -33.27 -9.08 17.46
N THR F 6 -34.43 -9.54 16.97
CA THR F 6 -35.36 -10.38 17.78
C THR F 6 -35.46 -9.92 19.29
N GLU F 7 -35.32 -10.90 20.18
CA GLU F 7 -35.17 -10.71 21.64
C GLU F 7 -34.73 -12.08 22.11
N SER F 8 -34.68 -12.36 23.41
CA SER F 8 -33.89 -13.49 23.94
C SER F 8 -34.70 -14.77 24.21
N PRO F 9 -34.95 -15.60 23.14
CA PRO F 9 -35.87 -16.74 22.99
C PRO F 9 -35.28 -18.18 23.04
N VAL F 10 -36.10 -19.20 22.77
CA VAL F 10 -35.80 -20.57 23.17
C VAL F 10 -36.09 -21.64 22.09
N SER F 11 -35.39 -22.78 22.13
CA SER F 11 -35.58 -23.82 21.10
C SER F 11 -35.05 -25.23 21.47
N ALA F 12 -35.63 -26.23 20.81
CA ALA F 12 -35.45 -27.63 21.20
C ALA F 12 -34.16 -28.28 20.65
N ALA F 13 -33.61 -29.20 21.42
CA ALA F 13 -32.32 -29.85 21.13
C ALA F 13 -32.28 -30.49 19.76
N GLY F 15 -31.83 -31.62 17.25
CA GLY F 15 -32.28 -31.60 15.87
C GLY F 15 -33.16 -30.43 15.48
N GLY F 16 -33.34 -29.48 16.39
CA GLY F 16 -34.26 -28.37 16.14
C GLY F 16 -33.63 -27.35 15.20
N THR F 17 -34.41 -26.37 14.79
CA THR F 17 -33.93 -25.32 13.91
C THR F 17 -34.35 -23.99 14.51
N VAL F 18 -33.50 -22.97 14.39
CA VAL F 18 -33.91 -21.60 14.74
C VAL F 18 -33.45 -20.63 13.68
N THR F 19 -34.23 -19.58 13.53
CA THR F 19 -33.95 -18.52 12.60
C THR F 19 -33.88 -17.23 13.40
N ILE F 20 -32.76 -16.53 13.26
CA ILE F 20 -32.52 -15.26 13.96
C ILE F 20 -32.56 -14.13 12.93
N LYS F 21 -33.45 -13.16 13.15
CA LYS F 21 -33.65 -12.09 12.17
C LYS F 21 -32.90 -10.82 12.50
N CYS F 22 -32.34 -10.20 11.45
CA CYS F 22 -31.56 -8.97 11.60
C CYS F 22 -31.94 -7.87 10.61
N GLN F 23 -32.13 -6.66 11.14
CA GLN F 23 -32.54 -5.49 10.34
C GLN F 23 -31.51 -4.40 10.47
N SER F 24 -31.32 -3.60 9.43
CA SER F 24 -30.54 -2.38 9.53
C SER F 24 -31.28 -1.21 8.86
N SER F 25 -31.21 -0.04 9.50
CA SER F 25 -31.96 1.13 9.05
C SER F 25 -31.42 1.71 7.74
N GLN F 26 -30.11 1.62 7.54
CA GLN F 26 -29.48 1.94 6.28
C GLN F 26 -29.11 0.63 5.59
N SER F 27 -29.03 0.64 4.26
CA SER F 27 -28.57 -0.55 3.53
C SER F 27 -27.06 -0.67 3.65
N VAL F 28 -26.57 -1.89 3.90
CA VAL F 28 -25.15 -2.07 4.18
C VAL F 28 -24.28 -1.72 2.99
N TYR F 29 -23.01 -1.41 3.27
CA TYR F 29 -22.01 -1.13 2.23
C TYR F 29 -21.38 -2.43 1.79
N ASN F 30 -21.20 -2.58 0.48
CA ASN F 30 -20.74 -3.84 -0.09
C ASN F 30 -21.75 -4.90 0.39
N ASN F 31 -21.30 -6.07 0.81
CA ASN F 31 -22.22 -7.06 1.36
C ASN F 31 -21.78 -7.28 2.78
N ARG F 32 -21.39 -6.19 3.44
CA ARG F 32 -20.73 -6.26 4.73
C ARG F 32 -21.73 -6.50 5.85
N LEU F 33 -22.14 -7.76 6.00
CA LEU F 33 -22.84 -8.20 7.21
C LEU F 33 -22.30 -9.56 7.68
N ALA F 34 -21.99 -9.61 8.97
CA ALA F 34 -21.30 -10.74 9.58
C ALA F 34 -21.98 -11.16 10.90
N TRP F 35 -21.71 -12.39 11.32
CA TRP F 35 -22.41 -12.96 12.46
C TRP F 35 -21.44 -13.53 13.47
N TYR F 36 -21.77 -13.38 14.76
CA TYR F 36 -20.89 -13.84 15.84
C TYR F 36 -21.70 -14.58 16.88
N GLN F 37 -21.07 -15.54 17.57
CA GLN F 37 -21.64 -16.07 18.82
C GLN F 37 -20.68 -15.74 19.97
N GLN F 38 -21.23 -15.38 21.13
CA GLN F 38 -20.43 -15.18 22.34
C GLN F 38 -20.99 -16.03 23.47
N LYS F 39 -20.20 -17.00 23.93
CA LYS F 39 -20.55 -17.79 25.12
C LYS F 39 -20.07 -17.03 26.34
N PRO F 40 -20.77 -17.16 27.48
CA PRO F 40 -20.43 -16.30 28.61
C PRO F 40 -19.01 -16.56 29.12
N GLY F 41 -18.32 -15.52 29.56
CA GLY F 41 -16.91 -15.65 29.95
C GLY F 41 -15.94 -15.82 28.79
N GLN F 42 -16.39 -15.60 27.56
CA GLN F 42 -15.56 -15.79 26.37
C GLN F 42 -15.68 -14.59 25.42
N ARG F 43 -14.66 -14.41 24.59
CA ARG F 43 -14.67 -13.40 23.55
C ARG F 43 -15.58 -13.87 22.40
N PRO F 44 -16.12 -12.92 21.62
CA PRO F 44 -16.88 -13.26 20.41
C PRO F 44 -16.15 -14.18 19.42
N LYS F 45 -16.92 -14.96 18.69
CA LYS F 45 -16.36 -15.84 17.67
C LYS F 45 -17.09 -15.65 16.36
N LEU F 46 -16.33 -15.48 15.29
CA LEU F 46 -16.89 -15.15 13.97
C LEU F 46 -17.48 -16.39 13.38
N LEU F 47 -18.68 -16.24 12.85
CA LEU F 47 -19.42 -17.37 12.32
C LEU F 47 -19.56 -17.28 10.82
N ILE F 48 -20.13 -16.15 10.39
CA ILE F 48 -20.42 -15.87 8.99
C ILE F 48 -19.91 -14.47 8.70
N TYR F 49 -19.36 -14.31 7.52
CA TYR F 49 -19.04 -12.98 6.99
C TYR F 49 -19.57 -12.83 5.57
N SER F 50 -19.62 -11.59 5.12
CA SER F 50 -20.12 -11.25 3.77
C SER F 50 -21.55 -11.77 3.55
N ALA F 51 -22.39 -11.61 4.57
CA ALA F 51 -23.78 -12.07 4.60
C ALA F 51 -23.99 -13.57 4.64
N SER F 52 -23.29 -14.32 3.79
CA SER F 52 -23.53 -15.76 3.67
C SER F 52 -22.30 -16.69 3.63
N THR F 53 -21.08 -16.16 3.81
CA THR F 53 -19.86 -16.98 3.72
C THR F 53 -19.42 -17.45 5.12
N LEU F 54 -19.14 -18.76 5.25
CA LEU F 54 -18.73 -19.40 6.53
C LEU F 54 -17.31 -19.05 6.92
N ALA F 55 -17.07 -18.91 8.21
CA ALA F 55 -15.72 -18.65 8.73
C ALA F 55 -15.00 -19.96 9.00
N SER F 56 -13.76 -19.88 9.46
CA SER F 56 -12.91 -21.07 9.58
C SER F 56 -13.33 -21.98 10.73
N GLY F 57 -13.45 -23.27 10.43
CA GLY F 57 -13.86 -24.28 11.41
C GLY F 57 -15.36 -24.37 11.69
N VAL F 58 -16.14 -23.42 11.20
CA VAL F 58 -17.55 -23.35 11.54
C VAL F 58 -18.33 -24.37 10.70
N PRO F 59 -19.25 -25.12 11.34
CA PRO F 59 -20.00 -26.17 10.64
C PRO F 59 -20.93 -25.63 9.56
N SER F 60 -21.41 -26.52 8.70
CA SER F 60 -22.31 -26.14 7.61
C SER F 60 -23.79 -25.87 8.07
N ARG F 61 -24.16 -26.40 9.24
CA ARG F 61 -25.53 -26.24 9.78
C ARG F 61 -25.82 -24.80 10.20
N PHE F 62 -24.78 -23.97 10.28
CA PHE F 62 -24.95 -22.52 10.35
C PHE F 62 -25.00 -21.95 8.94
N LYS F 63 -26.09 -21.27 8.65
CA LYS F 63 -26.25 -20.62 7.37
C LYS F 63 -26.73 -19.19 7.60
N GLY F 64 -26.23 -18.29 6.77
CA GLY F 64 -26.65 -16.90 6.79
C GLY F 64 -27.26 -16.55 5.46
N SER F 65 -28.22 -15.64 5.48
CA SER F 65 -28.89 -15.22 4.27
C SER F 65 -29.25 -13.75 4.33
N GLY F 66 -29.61 -13.22 3.15
CA GLY F 66 -30.13 -11.87 3.00
C GLY F 66 -29.30 -10.92 2.16
N SER F 67 -29.91 -9.77 1.93
CA SER F 67 -29.25 -8.56 1.46
C SER F 67 -30.14 -7.41 1.90
N GLY F 68 -29.58 -6.22 2.03
CA GLY F 68 -30.33 -5.10 2.61
C GLY F 68 -29.53 -4.43 3.71
N THR F 69 -30.08 -4.16 4.90
CA THR F 69 -31.49 -4.23 5.33
C THR F 69 -31.95 -5.53 6.00
N GLN F 70 -32.30 -6.57 5.24
CA GLN F 70 -32.82 -7.80 5.85
C GLN F 70 -31.86 -8.97 5.79
N PHE F 71 -31.56 -9.54 6.96
CA PHE F 71 -30.72 -10.72 7.05
C PHE F 71 -31.28 -11.73 8.03
N THR F 72 -30.88 -12.97 7.84
CA THR F 72 -31.33 -14.07 8.67
C THR F 72 -30.15 -15.01 8.90
N LEU F 73 -30.09 -15.60 10.11
CA LEU F 73 -29.16 -16.67 10.41
C LEU F 73 -29.96 -17.87 10.93
N THR F 74 -29.88 -18.98 10.22
CA THR F 74 -30.62 -20.18 10.61
C THR F 74 -29.62 -21.25 11.03
N ILE F 75 -29.77 -21.74 12.27
CA ILE F 75 -28.98 -22.86 12.75
C ILE F 75 -29.87 -24.09 12.74
N SER F 76 -29.39 -25.16 12.11
CA SER F 76 -30.15 -26.42 12.03
C SER F 76 -29.43 -27.51 12.80
N ASP F 77 -30.15 -28.59 13.09
CA ASP F 77 -29.55 -29.77 13.74
C ASP F 77 -28.94 -29.36 15.09
N LEU F 78 -29.72 -28.64 15.89
CA LEU F 78 -29.20 -27.93 17.06
C LEU F 78 -28.58 -28.87 18.09
N GLU F 79 -27.52 -28.38 18.72
CA GLU F 79 -26.82 -29.10 19.80
C GLU F 79 -26.81 -28.20 21.01
N TRP F 80 -26.42 -28.77 22.16
CA TRP F 80 -26.43 -28.04 23.42
C TRP F 80 -25.40 -26.91 23.42
N GLY F 81 -24.24 -27.19 22.84
CA GLY F 81 -23.14 -26.21 22.76
C GLY F 81 -23.42 -24.95 21.93
N ASP F 82 -24.64 -24.83 21.41
CA ASP F 82 -25.09 -23.66 20.66
C ASP F 82 -25.84 -22.66 21.53
N ALA F 83 -26.09 -22.98 22.79
CA ALA F 83 -26.69 -22.00 23.70
C ALA F 83 -25.62 -20.97 23.97
N ALA F 84 -25.93 -19.74 23.59
CA ALA F 84 -24.96 -18.64 23.56
C ALA F 84 -25.75 -17.38 23.21
N THR F 85 -25.07 -16.26 23.04
CA THR F 85 -25.72 -15.08 22.51
C THR F 85 -25.19 -14.85 21.11
N TYR F 86 -26.06 -14.36 20.24
CA TYR F 86 -25.71 -14.17 18.83
C TYR F 86 -25.86 -12.71 18.45
N TYR F 87 -24.91 -12.23 17.66
CA TYR F 87 -24.82 -10.82 17.31
C TYR F 87 -24.71 -10.63 15.81
N CYS F 88 -25.19 -9.47 15.40
CA CYS F 88 -25.23 -9.01 14.02
C CYS F 88 -24.33 -7.78 13.95
N HIS F 89 -23.76 -7.54 12.77
CA HIS F 89 -22.69 -6.54 12.63
C HIS F 89 -22.54 -6.18 11.17
N GLY F 90 -22.71 -4.90 10.84
CA GLY F 90 -22.70 -4.44 9.46
C GLY F 90 -21.80 -3.26 9.18
N GLY F 91 -21.31 -3.16 7.94
CA GLY F 91 -20.48 -2.05 7.47
C GLY F 91 -21.25 -1.05 6.64
N TYR F 92 -20.82 0.21 6.69
CA TYR F 92 -21.51 1.31 6.03
C TYR F 92 -20.48 2.28 5.44
N ARG F 93 -20.88 3.50 5.11
CA ARG F 93 -19.99 4.44 4.45
C ARG F 93 -19.97 5.78 5.16
N SER F 94 -21.01 6.55 4.86
CA SER F 94 -20.96 7.99 5.03
C SER F 94 -21.51 8.33 6.42
N ASN F 95 -20.72 9.03 7.23
CA ASN F 95 -19.33 9.44 6.91
C ASN F 95 -18.35 9.18 8.07
N ASP F 96 -18.85 8.64 9.18
CA ASP F 96 -18.02 8.22 10.29
C ASP F 96 -18.55 6.94 10.93
N ASP F 97 -19.87 6.81 11.09
CA ASP F 97 -20.51 5.59 11.65
C ASP F 97 -20.30 4.32 10.78
N ARG F 98 -19.02 4.05 10.51
CA ARG F 98 -18.59 3.07 9.52
C ARG F 98 -19.09 1.64 9.83
N TYR F 99 -19.12 1.29 11.12
CA TYR F 99 -19.54 -0.05 11.54
C TYR F 99 -20.53 0.01 12.71
N ALA F 100 -21.38 -1.02 12.82
CA ALA F 100 -22.40 -1.07 13.89
C ALA F 100 -22.85 -2.48 14.28
N PHE F 101 -23.09 -2.65 15.59
CA PHE F 101 -23.55 -3.92 16.18
C PHE F 101 -24.99 -3.77 16.64
N SER F 102 -25.68 -4.91 16.69
CA SER F 102 -27.04 -4.97 17.21
C SER F 102 -27.06 -5.26 18.70
N GLY F 103 -28.25 -5.55 19.22
CA GLY F 103 -28.46 -5.74 20.65
C GLY F 103 -28.03 -7.10 21.16
N GLY F 104 -28.16 -8.12 20.31
CA GLY F 104 -27.80 -9.49 20.69
C GLY F 104 -28.99 -10.32 21.15
N THR F 105 -29.08 -11.53 20.58
CA THR F 105 -30.18 -12.45 20.84
C THR F 105 -29.62 -13.70 21.54
N GLU F 106 -29.96 -13.87 22.81
CA GLU F 106 -29.57 -15.07 23.56
C GLU F 106 -30.35 -16.28 23.09
N LEU F 107 -29.67 -17.42 22.94
CA LEU F 107 -30.33 -18.63 22.47
C LEU F 107 -30.38 -19.69 23.57
N GLU F 108 -31.59 -20.00 24.01
CA GLU F 108 -31.83 -20.94 25.09
C GLU F 108 -32.17 -22.30 24.46
N ILE F 109 -31.34 -23.31 24.70
CA ILE F 109 -31.53 -24.65 24.13
C ILE F 109 -32.33 -25.50 25.10
N LEU F 110 -33.34 -26.20 24.59
CA LEU F 110 -34.31 -26.93 25.42
C LEU F 110 -34.39 -28.40 25.06
N SER F 111 -34.79 -29.22 26.03
CA SER F 111 -35.04 -30.65 25.75
C SER F 111 -36.10 -30.87 24.66
N SER F 112 -36.02 -32.01 23.99
CA SER F 112 -37.02 -32.41 23.02
C SER F 112 -37.84 -33.52 23.66
N GLN G 3 17.95 23.94 11.11
CA GLN G 3 16.78 23.02 11.29
C GLN G 3 15.55 23.44 10.50
N SER G 4 14.91 22.47 9.86
CA SER G 4 13.82 22.75 8.93
C SER G 4 12.95 21.52 8.67
N VAL G 5 11.79 21.76 8.08
CA VAL G 5 10.85 20.74 7.70
C VAL G 5 10.30 21.10 6.34
N LYS G 6 10.00 20.11 5.50
CA LYS G 6 9.39 20.42 4.20
C LYS G 6 8.18 19.52 3.91
N GLU G 7 7.04 20.17 3.63
CA GLU G 7 5.83 19.46 3.22
C GLU G 7 5.97 19.07 1.75
N SER G 8 5.20 18.07 1.35
CA SER G 8 5.24 17.55 -0.02
C SER G 8 3.84 17.18 -0.50
N GLU G 9 3.76 16.72 -1.74
CA GLU G 9 2.63 15.90 -2.21
C GLU G 9 1.27 16.61 -2.30
N GLY G 10 1.28 17.92 -2.57
CA GLY G 10 0.03 18.65 -2.80
C GLY G 10 -0.44 18.47 -4.22
N ASP G 11 -1.73 18.68 -4.48
CA ASP G 11 -2.30 18.32 -5.79
C ASP G 11 -3.61 19.05 -6.12
N LEU G 12 -4.01 18.97 -7.38
CA LEU G 12 -5.36 19.34 -7.83
C LEU G 12 -6.19 18.04 -7.85
N VAL G 13 -7.39 18.06 -7.28
CA VAL G 13 -8.15 16.84 -7.04
C VAL G 13 -9.67 17.08 -7.03
N LYS G 14 -10.45 16.08 -7.41
CA LYS G 14 -11.91 16.23 -7.51
C LYS G 14 -12.58 16.11 -6.13
N PRO G 15 -13.78 16.67 -5.99
CA PRO G 15 -14.50 16.50 -4.73
C PRO G 15 -14.82 15.03 -4.46
N GLY G 16 -14.66 14.61 -3.20
CA GLY G 16 -14.94 13.23 -2.80
C GLY G 16 -13.71 12.34 -2.77
N ALA G 17 -12.56 12.89 -3.16
CA ALA G 17 -11.34 12.11 -3.26
C ALA G 17 -10.53 12.16 -1.96
N SER G 18 -9.52 11.29 -1.90
CA SER G 18 -8.60 11.19 -0.77
C SER G 18 -7.24 11.72 -1.15
N LEU G 19 -6.47 12.15 -0.16
CA LEU G 19 -5.12 12.66 -0.41
C LEU G 19 -4.27 12.59 0.86
N THR G 20 -2.98 12.28 0.68
CA THR G 20 -2.06 12.15 1.79
C THR G 20 -0.90 13.11 1.63
N LEU G 21 -0.69 13.92 2.67
CA LEU G 21 0.43 14.84 2.73
C LEU G 21 1.50 14.27 3.63
N THR G 22 2.71 14.78 3.44
CA THR G 22 3.89 14.23 4.09
C THR G 22 4.84 15.36 4.41
N CYS G 23 5.31 15.38 5.65
CA CYS G 23 6.23 16.38 6.14
C CYS G 23 7.48 15.66 6.66
N LYS G 24 8.64 16.12 6.20
CA LYS G 24 9.92 15.47 6.46
C LYS G 24 10.87 16.45 7.19
N ALA G 25 11.33 16.04 8.37
CA ALA G 25 12.21 16.90 9.18
C ALA G 25 13.67 16.83 8.73
N SER G 26 14.43 17.88 9.06
CA SER G 26 15.89 17.93 8.87
C SER G 26 16.52 18.56 10.12
N GLY G 27 17.55 17.89 10.64
CA GLY G 27 18.31 18.42 11.78
C GLY G 27 17.70 18.17 13.16
N PHE G 28 16.58 17.45 13.21
CA PHE G 28 15.96 17.13 14.51
C PHE G 28 15.00 15.96 14.44
N ASP G 29 14.54 15.53 15.61
CA ASP G 29 13.67 14.37 15.74
C ASP G 29 12.39 14.79 16.40
N PHE G 30 11.35 13.99 16.21
CA PHE G 30 10.08 14.20 16.90
C PHE G 30 10.05 13.49 18.26
N THR G 31 11.22 13.10 18.77
CA THR G 31 11.33 12.40 20.05
C THR G 31 11.00 13.36 21.19
N TRP G 32 11.41 14.62 21.03
CA TRP G 32 11.20 15.67 22.03
C TRP G 32 10.17 16.76 21.66
N TYR G 33 9.63 16.74 20.43
CA TYR G 33 8.64 17.77 20.03
C TYR G 33 7.36 17.21 19.46
N THR G 34 6.28 17.94 19.72
CA THR G 34 4.93 17.71 19.20
C THR G 34 4.88 18.40 17.85
N MET G 35 4.34 17.72 16.84
CA MET G 35 4.25 18.29 15.47
C MET G 35 2.79 18.54 15.07
N ASN G 36 2.58 19.58 14.27
CA ASN G 36 1.22 20.07 13.97
C ASN G 36 0.97 20.23 12.48
N TRP G 37 -0.27 20.04 12.06
CA TRP G 37 -0.67 20.42 10.71
C TRP G 37 -1.61 21.62 10.82
N VAL G 38 -1.25 22.71 10.16
CA VAL G 38 -2.04 23.94 10.14
C VAL G 38 -2.23 24.28 8.69
N ARG G 39 -3.44 24.65 8.29
CA ARG G 39 -3.68 25.08 6.91
C ARG G 39 -4.11 26.53 6.82
N GLN G 40 -4.09 27.04 5.59
CA GLN G 40 -4.47 28.42 5.31
C GLN G 40 -5.24 28.51 3.98
N ALA G 41 -6.57 28.55 4.05
CA ALA G 41 -7.38 28.71 2.84
C ALA G 41 -7.14 30.10 2.25
N PRO G 42 -7.30 30.25 0.91
CA PRO G 42 -7.16 31.58 0.32
C PRO G 42 -8.13 32.60 0.92
N GLY G 43 -7.64 33.81 1.21
CA GLY G 43 -8.45 34.87 1.78
C GLY G 43 -8.73 34.75 3.27
N LYS G 44 -8.31 33.64 3.87
CA LYS G 44 -8.75 33.30 5.22
C LYS G 44 -7.54 33.09 6.11
N GLY G 45 -7.76 33.10 7.42
CA GLY G 45 -6.68 32.95 8.38
C GLY G 45 -6.24 31.50 8.60
N LEU G 46 -5.19 31.37 9.43
CA LEU G 46 -4.66 30.08 9.87
C LEU G 46 -5.68 29.28 10.66
N GLU G 47 -5.65 27.96 10.47
CA GLU G 47 -6.59 27.04 11.08
C GLU G 47 -5.81 25.82 11.55
N TRP G 48 -5.92 25.48 12.83
CA TRP G 48 -5.26 24.30 13.37
C TRP G 48 -6.05 23.05 13.01
N ILE G 49 -5.36 22.03 12.50
CA ILE G 49 -6.02 20.82 12.04
C ILE G 49 -5.85 19.72 13.07
N ALA G 50 -4.59 19.35 13.32
CA ALA G 50 -4.27 18.22 14.20
C ALA G 50 -2.84 18.25 14.70
N SER G 51 -2.63 17.65 15.87
CA SER G 51 -1.31 17.54 16.47
C SER G 51 -1.04 16.10 16.88
N ILE G 52 0.23 15.76 16.98
CA ILE G 52 0.61 14.45 17.49
C ILE G 52 1.82 14.62 18.40
N GLY G 53 1.79 13.95 19.55
CA GLY G 53 2.72 14.21 20.67
C GLY G 53 4.13 13.68 20.46
N ALA G 54 5.03 14.03 21.36
CA ALA G 54 6.46 13.67 21.25
C ALA G 54 6.71 12.20 21.47
N GLY G 55 7.70 11.66 20.77
CA GLY G 55 8.13 10.27 20.95
C GLY G 55 7.17 9.29 20.29
N VAL G 56 7.51 8.01 20.37
CA VAL G 56 6.71 6.95 19.74
C VAL G 56 5.28 6.94 20.28
N TYR G 57 5.13 7.11 21.60
CA TYR G 57 3.81 6.99 22.23
C TYR G 57 3.11 8.34 22.44
N GLY G 58 3.57 9.35 21.73
CA GLY G 58 2.89 10.64 21.68
C GLY G 58 1.42 10.52 21.34
N SER G 59 0.63 11.43 21.90
CA SER G 59 -0.83 11.40 21.77
C SER G 59 -1.27 12.30 20.63
N ASN G 60 -2.45 12.03 20.07
CA ASN G 60 -3.01 12.83 19.00
C ASN G 60 -4.04 13.76 19.59
N TYR G 61 -4.26 14.87 18.91
CA TYR G 61 -5.40 15.72 19.17
C TYR G 61 -5.91 16.24 17.83
N TYR G 62 -7.21 16.53 17.77
CA TYR G 62 -7.84 17.02 16.55
C TYR G 62 -8.68 18.25 16.86
N ALA G 63 -8.79 19.14 15.89
CA ALA G 63 -9.82 20.17 15.96
C ALA G 63 -11.16 19.44 15.88
N SER G 64 -12.19 19.99 16.52
CA SER G 64 -13.53 19.40 16.48
C SER G 64 -13.95 19.07 15.03
N TRP G 65 -13.94 20.09 14.17
CA TRP G 65 -14.39 19.95 12.79
C TRP G 65 -13.67 18.90 11.93
N ALA G 66 -12.49 18.45 12.37
CA ALA G 66 -11.59 17.66 11.53
C ALA G 66 -11.57 16.17 11.82
N LYS G 67 -12.20 15.76 12.92
CA LYS G 67 -12.12 14.39 13.35
C LYS G 67 -12.85 13.63 12.28
N GLY G 68 -12.33 12.50 11.85
CA GLY G 68 -13.08 11.64 10.94
C GLY G 68 -12.65 11.81 9.51
N ARG G 69 -12.55 13.05 9.01
CA ARG G 69 -12.08 13.28 7.64
C ARG G 69 -10.56 13.44 7.52
N PHE G 70 -9.93 13.66 8.68
CA PHE G 70 -8.49 13.77 8.78
C PHE G 70 -7.92 12.78 9.77
N THR G 71 -6.66 12.42 9.54
CA THR G 71 -5.90 11.48 10.39
C THR G 71 -4.42 11.87 10.37
N ILE G 72 -3.89 12.23 11.53
CA ILE G 72 -2.48 12.58 11.69
C ILE G 72 -1.69 11.38 12.18
N SER G 73 -0.46 11.26 11.69
CA SER G 73 0.35 10.09 11.98
C SER G 73 1.85 10.38 11.96
N LYS G 74 2.59 9.66 12.79
CA LYS G 74 4.03 9.68 12.77
C LYS G 74 4.47 8.40 12.10
N ALA G 75 4.81 8.48 10.81
CA ALA G 75 5.30 7.30 10.09
C ALA G 75 6.60 6.84 10.73
N SER G 76 7.49 7.80 11.00
CA SER G 76 8.80 7.52 11.60
C SER G 76 9.20 8.72 12.46
N SER G 77 10.39 8.65 13.04
CA SER G 77 10.87 9.72 13.92
C SER G 77 11.13 11.03 13.17
N THR G 78 11.17 10.98 11.84
CA THR G 78 11.45 12.18 11.04
C THR G 78 10.38 12.48 9.98
N THR G 79 9.27 11.75 9.97
CA THR G 79 8.24 11.93 8.94
C THR G 79 6.84 11.94 9.56
N VAL G 80 6.08 13.02 9.32
CA VAL G 80 4.66 13.06 9.73
C VAL G 80 3.76 12.96 8.50
N THR G 81 2.51 12.60 8.75
CA THR G 81 1.55 12.29 7.72
C THR G 81 0.21 12.94 8.04
N LEU G 82 -0.44 13.43 7.00
CA LEU G 82 -1.83 13.88 7.11
C LEU G 82 -2.68 13.21 6.04
N GLN G 83 -3.57 12.32 6.49
CA GLN G 83 -4.51 11.65 5.59
C GLN G 83 -5.83 12.44 5.52
N MET G 84 -6.21 12.83 4.30
CA MET G 84 -7.38 13.66 4.04
C MET G 84 -8.33 12.84 3.19
N THR G 85 -9.54 12.58 3.70
CA THR G 85 -10.40 11.54 3.11
C THR G 85 -11.52 11.97 2.18
N SER G 86 -12.40 12.88 2.59
CA SER G 86 -13.62 13.16 1.79
C SER G 86 -13.68 14.62 1.37
N LEU G 87 -12.69 15.03 0.59
CA LEU G 87 -12.45 16.45 0.29
C LEU G 87 -13.64 17.19 -0.32
N THR G 88 -13.78 18.45 0.09
CA THR G 88 -14.77 19.37 -0.50
C THR G 88 -14.03 20.64 -0.95
N VAL G 89 -14.72 21.52 -1.66
CA VAL G 89 -14.11 22.73 -2.23
C VAL G 89 -13.55 23.66 -1.13
N ALA G 90 -14.25 23.76 0.00
CA ALA G 90 -13.78 24.52 1.16
C ALA G 90 -12.47 24.02 1.78
N ASP G 91 -12.04 22.80 1.42
CA ASP G 91 -10.77 22.26 1.88
C ASP G 91 -9.58 22.72 1.04
N THR G 92 -9.85 23.57 0.07
CA THR G 92 -8.79 24.14 -0.76
C THR G 92 -7.95 25.06 0.10
N ALA G 93 -6.65 24.76 0.21
CA ALA G 93 -5.74 25.55 1.06
C ALA G 93 -4.27 25.24 0.85
N THR G 94 -3.43 26.13 1.37
CA THR G 94 -2.03 25.87 1.61
C THR G 94 -1.94 25.17 2.96
N TYR G 95 -1.32 23.99 2.99
CA TYR G 95 -1.17 23.16 4.20
C TYR G 95 0.24 23.21 4.78
N PHE G 96 0.33 23.48 6.09
CA PHE G 96 1.60 23.69 6.79
C PHE G 96 1.93 22.59 7.80
N CYS G 97 3.22 22.31 7.92
CA CYS G 97 3.78 21.49 8.97
C CYS G 97 4.57 22.38 9.93
N ALA G 98 4.31 22.28 11.23
CA ALA G 98 4.93 23.20 12.20
C ALA G 98 5.28 22.54 13.52
N ARG G 99 6.49 22.80 13.99
CA ARG G 99 7.01 22.16 15.17
C ARG G 99 6.75 22.99 16.41
N ASP G 100 6.15 22.34 17.42
CA ASP G 100 5.97 22.95 18.72
C ASP G 100 7.33 22.87 19.39
N GLY G 101 8.10 23.94 19.23
CA GLY G 101 9.44 24.00 19.80
C GLY G 101 9.39 24.11 21.33
N ILE G 102 8.65 25.09 21.81
CA ILE G 102 8.58 25.37 23.22
C ILE G 102 7.20 25.92 23.61
N ASN G 103 6.52 25.20 24.51
CA ASN G 103 5.27 25.61 25.17
C ASN G 103 4.26 26.34 24.27
N GLY G 104 4.08 25.83 23.05
CA GLY G 104 3.04 26.33 22.14
C GLY G 104 3.52 27.22 21.00
N GLY G 105 4.75 27.68 21.08
CA GLY G 105 5.33 28.50 20.02
C GLY G 105 5.74 27.64 18.85
N TYR G 106 5.06 27.82 17.71
CA TYR G 106 5.45 27.14 16.48
C TYR G 106 6.69 27.81 15.90
N ASP G 107 7.79 27.42 16.52
CA ASP G 107 9.16 27.83 16.25
C ASP G 107 9.52 27.71 14.77
N ILE G 108 9.10 26.63 14.12
CA ILE G 108 9.52 26.40 12.75
C ILE G 108 8.38 25.87 11.86
N TRP G 109 8.38 26.34 10.62
CA TRP G 109 7.32 26.06 9.67
C TRP G 109 7.90 25.58 8.36
N GLY G 110 7.14 24.80 7.60
CA GLY G 110 7.54 24.53 6.22
C GLY G 110 7.12 25.66 5.28
N PRO G 111 7.36 25.51 3.98
CA PRO G 111 6.80 26.48 3.04
C PRO G 111 5.30 26.27 2.81
N GLY G 112 4.88 25.01 2.83
CA GLY G 112 3.50 24.62 2.57
C GLY G 112 3.31 23.98 1.19
N THR G 113 2.25 23.19 1.06
CA THR G 113 1.83 22.66 -0.23
C THR G 113 0.40 23.03 -0.55
N LEU G 114 0.12 23.21 -1.82
CA LEU G 114 -1.19 23.65 -2.25
C LEU G 114 -2.03 22.41 -2.52
N VAL G 115 -3.23 22.39 -1.94
CA VAL G 115 -4.21 21.38 -2.25
C VAL G 115 -5.40 22.14 -2.78
N THR G 116 -5.82 21.79 -3.99
CA THR G 116 -6.97 22.43 -4.61
C THR G 116 -8.00 21.36 -4.92
N VAL G 117 -9.24 21.64 -4.54
CA VAL G 117 -10.35 20.76 -4.79
C VAL G 117 -11.26 21.49 -5.76
N SER G 118 -11.50 20.90 -6.95
CA SER G 118 -12.33 21.56 -7.94
C SER G 118 -12.88 20.61 -9.00
N SER G 119 -13.71 21.17 -9.89
CA SER G 119 -14.29 20.47 -11.03
C SER G 119 -14.13 21.30 -12.30
N LEU H 1 -14.93 26.86 21.71
CA LEU H 1 -13.59 27.52 21.86
C LEU H 1 -13.21 28.38 20.63
N VAL H 2 -13.11 29.70 20.84
CA VAL H 2 -12.66 30.64 19.80
C VAL H 2 -11.73 31.73 20.33
N MET H 3 -10.97 32.32 19.43
CA MET H 3 -10.19 33.52 19.74
C MET H 3 -10.58 34.64 18.79
N THR H 4 -10.39 35.88 19.23
CA THR H 4 -10.73 37.04 18.39
C THR H 4 -9.66 38.14 18.44
N GLN H 5 -9.57 38.89 17.34
CA GLN H 5 -8.62 40.00 17.15
C GLN H 5 -9.47 41.14 16.48
N THR H 6 -8.88 42.26 15.99
CA THR H 6 -9.64 43.34 15.24
C THR H 6 -9.54 43.27 13.68
N GLU H 7 -9.88 44.36 12.95
CA GLU H 7 -9.96 44.38 11.47
C GLU H 7 -9.24 45.62 10.91
N SER H 8 -8.29 45.37 10.01
CA SER H 8 -7.44 46.41 9.41
C SER H 8 -7.16 47.68 10.23
N PRO H 9 -6.33 47.59 11.29
CA PRO H 9 -5.78 48.85 11.83
C PRO H 9 -4.69 49.40 10.94
N VAL H 10 -4.52 50.72 11.06
CA VAL H 10 -3.50 51.49 10.37
C VAL H 10 -2.70 52.30 11.39
N SER H 11 -1.43 52.58 11.08
CA SER H 11 -0.58 53.33 12.01
C SER H 11 0.67 53.97 11.40
N ALA H 12 1.15 55.01 12.05
CA ALA H 12 2.18 55.90 11.49
C ALA H 12 3.60 55.38 11.67
N ALA H 13 4.45 55.70 10.69
CA ALA H 13 5.83 55.20 10.61
C ALA H 13 6.60 55.45 11.87
N GLY H 15 8.30 55.67 14.05
CA GLY H 15 8.35 55.90 15.48
C GLY H 15 7.03 55.69 16.19
N GLY H 16 6.01 55.25 15.46
CA GLY H 16 4.68 55.09 16.04
C GLY H 16 4.61 53.86 16.90
N THR H 17 3.49 53.69 17.58
CA THR H 17 3.26 52.53 18.43
C THR H 17 1.89 51.99 18.08
N VAL H 18 1.75 50.66 18.08
CA VAL H 18 0.44 50.04 17.95
C VAL H 18 0.28 48.95 18.96
N THR H 19 -0.96 48.75 19.35
CA THR H 19 -1.34 47.74 20.30
C THR H 19 -2.40 46.86 19.65
N ILE H 20 -2.13 45.56 19.62
CA ILE H 20 -3.03 44.58 19.04
C ILE H 20 -3.63 43.74 20.17
N LYS H 21 -4.95 43.72 20.25
CA LYS H 21 -5.65 43.04 21.36
C LYS H 21 -6.12 41.64 20.98
N CYS H 22 -5.96 40.69 21.92
CA CYS H 22 -6.35 39.30 21.72
C CYS H 22 -7.19 38.72 22.87
N GLN H 23 -8.29 38.06 22.53
CA GLN H 23 -9.18 37.44 23.50
C GLN H 23 -9.31 35.95 23.25
N SER H 24 -9.52 35.17 24.31
CA SER H 24 -9.90 33.76 24.16
C SER H 24 -11.06 33.42 25.08
N SER H 25 -12.00 32.62 24.57
CA SER H 25 -13.23 32.30 25.30
C SER H 25 -12.97 31.40 26.49
N GLN H 26 -11.99 30.50 26.37
CA GLN H 26 -11.51 29.70 27.49
C GLN H 26 -10.20 30.27 27.94
N SER H 27 -9.85 30.08 29.22
CA SER H 27 -8.55 30.53 29.72
C SER H 27 -7.48 29.55 29.26
N VAL H 28 -6.34 30.07 28.80
CA VAL H 28 -5.33 29.21 28.18
C VAL H 28 -4.73 28.23 29.17
N TYR H 29 -4.17 27.14 28.63
CA TYR H 29 -3.47 26.13 29.45
C TYR H 29 -2.03 26.55 29.62
N ASN H 30 -1.52 26.43 30.84
CA ASN H 30 -0.18 26.90 31.15
C ASN H 30 -0.21 28.40 30.79
N ASN H 31 0.84 28.92 30.17
CA ASN H 31 0.81 30.32 29.75
C ASN H 31 0.94 30.31 28.26
N ARG H 32 0.26 29.34 27.64
CA ARG H 32 0.48 29.02 26.21
C ARG H 32 -0.26 30.00 25.33
N LEU H 33 0.32 31.18 25.16
CA LEU H 33 -0.11 32.10 24.12
C LEU H 33 1.10 32.72 23.42
N ALA H 34 1.05 32.68 22.09
CA ALA H 34 2.17 33.01 21.24
C ALA H 34 1.71 33.91 20.08
N TRP H 35 2.68 34.61 19.47
CA TRP H 35 2.36 35.60 18.46
C TRP H 35 3.19 35.37 17.21
N TYR H 36 2.58 35.61 16.05
CA TYR H 36 3.23 35.42 14.76
C TYR H 36 2.99 36.61 13.86
N GLN H 37 3.92 36.91 12.95
CA GLN H 37 3.64 37.78 11.80
C GLN H 37 3.79 36.99 10.51
N GLN H 38 2.90 37.24 9.54
CA GLN H 38 3.01 36.61 8.23
C GLN H 38 3.00 37.69 7.17
N LYS H 39 4.11 37.86 6.46
CA LYS H 39 4.16 38.76 5.30
C LYS H 39 3.66 38.00 4.09
N PRO H 40 3.00 38.68 3.14
CA PRO H 40 2.37 37.94 2.05
C PRO H 40 3.39 37.15 1.22
N GLY H 41 3.01 35.97 0.75
CA GLY H 41 3.94 35.10 0.03
C GLY H 41 4.99 34.44 0.90
N GLN H 42 4.82 34.50 2.23
CA GLN H 42 5.78 33.94 3.17
C GLN H 42 5.07 33.12 4.24
N ARG H 43 5.81 32.18 4.82
CA ARG H 43 5.32 31.37 5.92
C ARG H 43 5.33 32.23 7.21
N PRO H 44 4.50 31.86 8.21
CA PRO H 44 4.48 32.53 9.49
C PRO H 44 5.84 32.57 10.20
N LYS H 45 6.05 33.60 10.99
CA LYS H 45 7.27 33.73 11.77
C LYS H 45 6.90 33.99 13.22
N LEU H 46 7.52 33.23 14.12
CA LEU H 46 7.22 33.28 15.56
C LEU H 46 7.86 34.51 16.16
N LEU H 47 7.07 35.24 16.94
CA LEU H 47 7.49 36.53 17.49
C LEU H 47 7.68 36.45 18.99
N ILE H 48 6.59 36.03 19.64
CA ILE H 48 6.52 35.90 21.08
C ILE H 48 5.95 34.53 21.39
N TYR H 49 6.47 33.91 22.45
CA TYR H 49 5.87 32.71 23.03
C TYR H 49 5.74 32.85 24.54
N SER H 50 4.92 31.97 25.12
CA SER H 50 4.63 31.98 26.56
C SER H 50 4.12 33.35 27.03
N ALA H 51 3.22 33.93 26.23
CA ALA H 51 2.60 35.23 26.49
C ALA H 51 3.53 36.42 26.33
N SER H 52 4.73 36.36 26.91
CA SER H 52 5.60 37.54 26.93
C SER H 52 7.10 37.31 26.61
N THR H 53 7.48 36.09 26.23
CA THR H 53 8.90 35.80 25.96
C THR H 53 9.21 35.94 24.47
N LEU H 54 10.30 36.65 24.14
CA LEU H 54 10.73 36.90 22.75
C LEU H 54 11.32 35.67 22.09
N ALA H 55 11.08 35.51 20.78
CA ALA H 55 11.67 34.41 20.02
C ALA H 55 13.02 34.84 19.45
N SER H 56 13.69 33.93 18.75
CA SER H 56 15.08 34.14 18.34
C SER H 56 15.21 35.16 17.21
N GLY H 57 16.11 36.12 17.39
CA GLY H 57 16.33 37.19 16.41
C GLY H 57 15.33 38.35 16.44
N VAL H 58 14.24 38.20 17.19
CA VAL H 58 13.17 39.22 17.18
C VAL H 58 13.57 40.41 18.05
N PRO H 59 13.38 41.63 17.54
CA PRO H 59 13.81 42.82 18.28
C PRO H 59 13.05 43.04 19.59
N SER H 60 13.57 43.93 20.42
CA SER H 60 12.98 44.22 21.73
C SER H 60 11.74 45.14 21.66
N ARG H 61 11.59 45.85 20.54
CA ARG H 61 10.44 46.77 20.34
C ARG H 61 9.11 46.01 20.20
N PHE H 62 9.17 44.70 19.96
CA PHE H 62 8.00 43.83 20.08
C PHE H 62 7.86 43.35 21.51
N LYS H 63 6.72 43.63 22.12
CA LYS H 63 6.43 43.19 23.47
C LYS H 63 5.04 42.55 23.48
N GLY H 64 4.93 41.48 24.26
CA GLY H 64 3.65 40.83 24.50
C GLY H 64 3.28 40.89 25.97
N SER H 65 1.99 40.96 26.25
CA SER H 65 1.51 41.04 27.63
C SER H 65 0.22 40.29 27.79
N GLY H 66 -0.13 40.05 29.06
CA GLY H 66 -1.40 39.45 29.45
C GLY H 66 -1.33 38.11 30.17
N SER H 67 -2.51 37.74 30.66
CA SER H 67 -2.82 36.39 31.11
C SER H 67 -4.33 36.25 30.97
N GLY H 68 -4.83 35.03 30.85
CA GLY H 68 -6.26 34.83 30.56
C GLY H 68 -6.44 33.92 29.38
N THR H 69 -7.26 34.23 28.37
CA THR H 69 -8.27 35.35 28.26
C THR H 69 -7.81 36.65 27.59
N GLN H 70 -7.13 37.57 28.30
CA GLN H 70 -6.75 38.86 27.69
C GLN H 70 -5.25 39.00 27.44
N PHE H 71 -4.91 39.27 26.18
CA PHE H 71 -3.54 39.47 25.80
C PHE H 71 -3.41 40.65 24.87
N THR H 72 -2.20 41.21 24.87
CA THR H 72 -1.91 42.37 24.04
C THR H 72 -0.52 42.22 23.44
N LEU H 73 -0.34 42.70 22.19
CA LEU H 73 0.99 42.81 21.58
C LEU H 73 1.20 44.26 21.13
N THR H 74 2.21 44.92 21.68
CA THR H 74 2.50 46.31 21.35
C THR H 74 3.83 46.38 20.63
N ILE H 75 3.81 46.95 19.42
CA ILE H 75 5.03 47.18 18.67
C ILE H 75 5.32 48.67 18.75
N SER H 76 6.55 49.01 19.14
CA SER H 76 6.99 50.40 19.25
C SER H 76 8.05 50.71 18.22
N ASP H 77 8.27 52.01 17.97
CA ASP H 77 9.35 52.45 17.08
C ASP H 77 9.14 51.86 15.69
N LEU H 78 7.91 51.99 15.18
CA LEU H 78 7.48 51.25 13.99
C LEU H 78 8.32 51.56 12.75
N GLU H 79 8.54 50.52 11.96
CA GLU H 79 9.27 50.62 10.69
C GLU H 79 8.37 50.09 9.59
N TRP H 80 8.75 50.33 8.34
CA TRP H 80 7.92 49.96 7.19
C TRP H 80 7.82 48.45 7.06
N GLY H 81 8.92 47.75 7.31
CA GLY H 81 8.96 46.29 7.24
C GLY H 81 8.08 45.54 8.24
N ASP H 82 7.30 46.27 9.05
CA ASP H 82 6.35 45.70 10.01
C ASP H 82 4.94 45.63 9.46
N ALA H 83 4.70 46.17 8.27
CA ALA H 83 3.41 45.99 7.62
C ALA H 83 3.33 44.51 7.22
N ALA H 84 2.33 43.84 7.77
CA ALA H 84 2.19 42.39 7.70
C ALA H 84 0.86 42.04 8.36
N THR H 85 0.56 40.76 8.49
CA THR H 85 -0.61 40.35 9.26
C THR H 85 -0.10 39.68 10.52
N TYR H 86 -0.84 39.86 11.60
CA TYR H 86 -0.42 39.37 12.91
C TYR H 86 -1.48 38.42 13.46
N TYR H 87 -1.00 37.32 14.04
CA TYR H 87 -1.85 36.25 14.50
C TYR H 87 -1.58 35.91 15.95
N CYS H 88 -2.63 35.41 16.57
CA CYS H 88 -2.68 35.01 17.96
C CYS H 88 -2.92 33.51 17.95
N HIS H 89 -2.46 32.83 18.99
CA HIS H 89 -2.42 31.37 18.99
C HIS H 89 -2.25 30.89 20.41
N GLY H 90 -3.21 30.08 20.88
CA GLY H 90 -3.19 29.61 22.27
C GLY H 90 -3.37 28.10 22.45
N GLY H 91 -2.83 27.59 23.55
CA GLY H 91 -2.97 26.17 23.93
C GLY H 91 -4.02 25.94 25.02
N TYR H 92 -4.63 24.75 25.00
CA TYR H 92 -5.74 24.42 25.91
C TYR H 92 -5.64 22.96 26.38
N ARG H 93 -6.71 22.40 26.96
CA ARG H 93 -6.58 21.09 27.67
C ARG H 93 -7.76 20.12 27.78
N SER H 94 -8.90 20.31 27.09
CA SER H 94 -9.99 19.31 27.20
C SER H 94 -11.09 19.45 26.15
N ASN H 95 -11.24 18.49 25.24
CA ASN H 95 -10.56 17.19 25.27
C ASN H 95 -9.87 16.85 23.94
N ASP H 96 -9.99 17.74 22.96
CA ASP H 96 -9.34 17.55 21.65
C ASP H 96 -8.88 18.88 21.05
N ASP H 97 -9.70 19.93 21.20
CA ASP H 97 -9.41 21.30 20.73
C ASP H 97 -8.15 21.92 21.36
N ARG H 98 -7.06 21.17 21.31
CA ARG H 98 -5.83 21.46 22.05
C ARG H 98 -5.23 22.83 21.71
N TYR H 99 -5.28 23.23 20.45
CA TYR H 99 -4.69 24.48 19.99
C TYR H 99 -5.66 25.26 19.07
N ALA H 100 -5.52 26.60 19.05
CA ALA H 100 -6.39 27.44 18.23
C ALA H 100 -5.78 28.79 17.81
N PHE H 101 -6.12 29.20 16.59
CA PHE H 101 -5.68 30.45 16.00
C PHE H 101 -6.83 31.43 15.87
N SER H 102 -6.50 32.71 15.87
CA SER H 102 -7.48 33.78 15.68
C SER H 102 -7.61 34.12 14.18
N GLY H 103 -8.32 35.22 13.92
CA GLY H 103 -8.65 35.64 12.57
C GLY H 103 -7.53 36.34 11.85
N GLY H 104 -6.70 37.06 12.60
CA GLY H 104 -5.57 37.78 12.02
C GLY H 104 -5.86 39.25 11.79
N THR H 105 -4.93 40.10 12.25
CA THR H 105 -5.05 41.56 12.15
C THR H 105 -3.95 42.08 11.23
N GLU H 106 -4.36 42.56 10.07
CA GLU H 106 -3.42 43.16 9.11
C GLU H 106 -2.98 44.56 9.59
N LEU H 107 -1.69 44.85 9.47
CA LEU H 107 -1.15 46.13 9.94
C LEU H 107 -0.70 47.01 8.79
N GLU H 108 -1.39 48.13 8.62
CA GLU H 108 -1.09 49.05 7.54
C GLU H 108 -0.19 50.16 8.11
N ILE H 109 1.02 50.28 7.59
CA ILE H 109 1.97 51.30 8.05
C ILE H 109 1.83 52.55 7.20
N LEU H 110 1.78 53.71 7.85
CA LEU H 110 1.41 54.98 7.21
C LEU H 110 2.48 56.05 7.44
N SER H 111 2.59 57.00 6.51
CA SER H 111 3.52 58.13 6.67
C SER H 111 3.23 58.95 7.94
N SER H 112 4.25 59.64 8.47
CA SER H 112 4.09 60.54 9.61
C SER H 112 4.20 62.02 9.22
C1 M6P I . 27.35 5.69 -28.72
C2 M6P I . 26.13 6.27 -28.06
C3 M6P I . 25.96 5.76 -26.64
C4 M6P I . 26.04 4.25 -26.58
C5 M6P I . 27.38 3.87 -27.21
C6 M6P I . 27.61 2.38 -27.10
O1 M6P I . 28.49 6.32 -28.18
O2 M6P I . 25.01 5.90 -28.85
O3 M6P I . 24.71 6.13 -26.12
O4 M6P I . 25.95 3.85 -25.25
O5 M6P I . 27.36 4.28 -28.56
O6 M6P I . 28.44 2.13 -25.98
P M6P I . 29.65 1.09 -26.02
O1P M6P I . 30.13 0.83 -27.43
O2P M6P I . 30.81 1.69 -25.27
O3P M6P I . 29.21 -0.23 -25.41
S SO4 J . 5.43 9.46 -37.31
O1 SO4 J . 6.12 8.16 -37.22
O2 SO4 J . 5.52 9.98 -38.70
O3 SO4 J . 4.02 9.20 -37.02
O4 SO4 J . 5.96 10.47 -36.35
C1 M6P K . 9.70 -35.72 -5.21
C2 M6P K . 8.33 -35.10 -5.39
C3 M6P K . 8.29 -34.29 -6.69
C4 M6P K . 9.41 -33.26 -6.65
C5 M6P K . 10.76 -33.96 -6.45
C6 M6P K . 11.91 -32.97 -6.35
O1 M6P K . 9.99 -36.71 -6.19
O2 M6P K . 8.09 -34.28 -4.26
O3 M6P K . 7.07 -33.61 -6.87
O4 M6P K . 9.37 -32.54 -7.84
O5 M6P K . 10.69 -34.70 -5.22
O6 M6P K . 12.39 -32.51 -7.61
P M6P K . 13.79 -32.98 -8.24
O1P M6P K . 14.73 -33.61 -7.23
O2P M6P K . 13.41 -33.98 -9.33
O3P M6P K . 14.46 -31.76 -8.87
S SO4 L . -5.72 -23.32 8.89
O1 SO4 L . -5.76 -24.68 9.46
O2 SO4 L . -4.41 -23.07 8.25
O3 SO4 L . -6.79 -23.24 7.88
O4 SO4 L . -5.88 -22.32 9.96
C1 M6P M . -8.93 -3.54 4.98
C2 M6P M . -9.28 -4.91 5.51
C3 M6P M . -10.60 -5.36 4.94
C4 M6P M . -11.66 -4.33 5.25
C5 M6P M . -11.22 -3.01 4.60
C6 M6P M . -12.24 -1.95 4.90
O1 M6P M . -8.57 -3.64 3.61
O2 M6P M . -9.34 -4.88 6.95
O3 M6P M . -10.98 -6.59 5.52
O4 M6P M . -12.88 -4.76 4.76
O5 M6P M . -9.99 -2.61 5.17
O6 M6P M . -11.70 -0.65 4.83
P M6P M . -12.24 0.33 3.70
O1P M6P M . -13.69 0.59 3.98
O2P M6P M . -11.36 1.55 3.68
O3P M6P M . -12.19 -0.37 2.33
S SO4 N . -11.65 -17.20 25.44
O1 SO4 N . -12.22 -18.48 25.91
O2 SO4 N . -10.36 -17.50 24.80
O3 SO4 N . -12.54 -16.63 24.42
O4 SO4 N . -11.48 -16.24 26.56
S SO4 O . -15.12 5.31 0.98
O1 SO4 O . -14.44 4.23 1.72
O2 SO4 O . -14.46 5.41 -0.34
O3 SO4 O . -16.57 4.98 0.90
O4 SO4 O . -15.03 6.60 1.73
C1 M6P P . 6.53 18.84 23.63
C2 M6P P . 7.06 20.13 23.10
C3 M6P P . 6.61 21.27 23.98
C4 M6P P . 5.09 21.27 24.09
C5 M6P P . 4.62 19.88 24.57
C6 M6P P . 3.11 19.83 24.61
O1 M6P P . 7.12 18.62 24.90
O2 M6P P . 6.65 20.29 21.74
O3 M6P P . 7.05 22.50 23.44
O4 M6P P . 4.72 22.26 24.99
O5 M6P P . 5.11 18.87 23.71
O6 M6P P . 2.70 18.55 25.09
P M6P P . 1.66 18.40 26.30
O1P M6P P . 0.44 19.24 26.06
O2P M6P P . 1.25 16.95 26.36
O3P M6P P . 2.36 18.77 27.60
S SO4 Q . 9.77 32.39 3.02
O1 SO4 Q . 10.68 31.33 2.53
O2 SO4 Q . 9.84 33.51 2.05
O3 SO4 Q . 8.41 31.82 3.13
O4 SO4 Q . 10.29 32.88 4.31
S SO4 R . -2.98 16.32 29.83
O1 SO4 R . -3.87 15.50 30.70
O2 SO4 R . -1.90 15.49 29.26
O3 SO4 R . -3.84 16.91 28.76
O4 SO4 R . -2.37 17.42 30.61
#